data_4YEK
#
_entry.id   4YEK
#
_cell.length_a   190.919
_cell.length_b   190.919
_cell.length_c   57.718
_cell.angle_alpha   90.000
_cell.angle_beta   90.000
_cell.angle_gamma   90.000
#
_symmetry.space_group_name_H-M   'I 4'
#
loop_
_entity.id
_entity.type
_entity.pdbx_description
1 polymer 'Thymidine phosphorylase'
2 non-polymer 'SULFATE ION'
3 non-polymer THYMIDINE
4 non-polymer 'TRIETHYLENE GLYCOL'
5 non-polymer 1,2-ETHANEDIOL
6 non-polymer GLYCEROL
7 water water
#
_entity_poly.entity_id   1
_entity_poly.type   'polypeptide(L)'
_entity_poly.pdbx_seq_one_letter_code
;MFLAQEIIRKKRDGHALSDEEIRFFINGIRDNTISEGQIAALAMTIFFHDMTMPERVSLTMAMRDSGTVLDWKSLNLNGP
IVDKHSTGGVGDVTSLMLGPMVAACGGYVPMISGRGLGHTGGTLDKLEAIPGFDIFPDDNRFREIIQDVGVAIIGQTSSL
APADKRFYATRDITATVDSIPLITGSILAKKLAEGLDALVMDVKVGSGAFMPTYELSEALAEAIVGVANGAGVRTTALLT
DMNQVLASSAGNAVEVREAVQFLTGEYRNPRLFDVTMALCVEMLISGQLAKDDAEARAKLQAVLDNGKAAEVFGRMVAAQ
KGPSDFVENYDKYLPTAMLSKAVYADTEGFISAMDTRALGMAVVSMGGGRRQASDTIDYSVGFTDMARLGDSIDGQRPLA
VIHAKDEASWQEAAKAVKAAIILDDKAPASTPSVYRRITE
;
_entity_poly.pdbx_strand_id   A,B
#
# COMPACT_ATOMS: atom_id res chain seq x y z
N MET A 1 14.11 -19.13 22.74
CA MET A 1 13.13 -18.73 21.73
C MET A 1 11.73 -19.02 22.20
N PHE A 2 11.53 -20.27 22.64
CA PHE A 2 10.29 -20.70 23.28
C PHE A 2 10.42 -20.63 24.81
N LEU A 3 10.88 -19.46 25.27
CA LEU A 3 10.39 -18.89 26.51
C LEU A 3 8.94 -18.48 26.28
N ALA A 4 8.53 -18.50 25.01
CA ALA A 4 7.17 -18.26 24.60
C ALA A 4 6.25 -19.19 25.37
N GLN A 5 6.53 -20.48 25.24
CA GLN A 5 5.70 -21.51 25.88
C GLN A 5 5.66 -21.36 27.41
N GLU A 6 6.74 -20.88 28.00
CA GLU A 6 6.72 -20.54 29.42
C GLU A 6 5.72 -19.45 29.68
N ILE A 7 5.69 -18.47 28.79
CA ILE A 7 4.84 -17.32 29.02
C ILE A 7 3.38 -17.75 28.84
N ILE A 8 3.10 -18.49 27.79
CA ILE A 8 1.77 -19.06 27.61
C ILE A 8 1.38 -19.80 28.88
N ARG A 9 2.27 -20.63 29.43
CA ARG A 9 1.94 -21.45 30.58
C ARG A 9 1.68 -20.58 31.81
N LYS A 10 2.48 -19.53 31.96
CA LYS A 10 2.26 -18.60 33.05
C LYS A 10 0.85 -17.99 32.99
N LYS A 11 0.50 -17.38 31.86
CA LYS A 11 -0.83 -16.81 31.68
C LYS A 11 -1.93 -17.85 31.81
N ARG A 12 -1.72 -18.99 31.17
CA ARG A 12 -2.69 -20.10 31.20
C ARG A 12 -3.09 -20.48 32.65
N ASP A 13 -2.10 -20.52 33.54
CA ASP A 13 -2.30 -20.91 34.91
C ASP A 13 -2.71 -19.71 35.76
N GLY A 14 -3.18 -18.65 35.11
CA GLY A 14 -3.81 -17.55 35.82
C GLY A 14 -2.91 -16.52 36.46
N HIS A 15 -1.63 -16.52 36.13
CA HIS A 15 -0.78 -15.45 36.67
C HIS A 15 -0.78 -14.22 35.79
N ALA A 16 -0.35 -13.09 36.36
CA ALA A 16 -0.12 -11.87 35.60
C ALA A 16 1.29 -11.85 34.98
N LEU A 17 1.35 -11.65 33.67
CA LEU A 17 2.63 -11.48 32.96
C LEU A 17 3.31 -10.17 33.35
N SER A 18 4.64 -10.19 33.39
CA SER A 18 5.41 -8.98 33.62
C SER A 18 5.54 -8.16 32.34
N ASP A 19 5.82 -6.88 32.52
CA ASP A 19 6.13 -5.99 31.42
C ASP A 19 7.11 -6.63 30.44
N GLU A 20 8.22 -7.12 30.99
CA GLU A 20 9.33 -7.66 30.22
C GLU A 20 8.96 -8.93 29.46
N GLU A 21 8.11 -9.76 30.06
CA GLU A 21 7.56 -10.93 29.37
C GLU A 21 6.67 -10.55 28.19
N ILE A 22 5.84 -9.53 28.41
CA ILE A 22 4.88 -9.05 27.45
C ILE A 22 5.60 -8.43 26.29
N ARG A 23 6.61 -7.63 26.62
CA ARG A 23 7.44 -7.01 25.59
C ARG A 23 8.18 -8.09 24.80
N PHE A 24 8.79 -9.06 25.49
CA PHE A 24 9.41 -10.17 24.78
C PHE A 24 8.39 -10.86 23.87
N PHE A 25 7.18 -11.16 24.35
CA PHE A 25 6.25 -11.92 23.51
C PHE A 25 5.80 -11.09 22.29
N ILE A 26 5.55 -9.79 22.50
CA ILE A 26 5.05 -8.93 21.43
C ILE A 26 6.11 -8.80 20.31
N ASN A 27 7.35 -8.53 20.70
CA ASN A 27 8.43 -8.42 19.73
C ASN A 27 8.68 -9.73 18.99
N GLY A 28 8.44 -10.85 19.66
CA GLY A 28 8.60 -12.12 19.01
C GLY A 28 7.56 -12.31 17.94
N ILE A 29 6.42 -11.62 18.09
CA ILE A 29 5.35 -11.71 17.13
C ILE A 29 5.72 -10.93 15.88
N ARG A 30 6.30 -9.76 16.12
CA ARG A 30 6.77 -8.88 15.05
C ARG A 30 7.87 -9.57 14.21
N ASP A 31 8.94 -10.01 14.89
CA ASP A 31 10.08 -10.66 14.27
C ASP A 31 9.79 -12.04 13.72
N ASN A 32 8.61 -12.60 14.04
CA ASN A 32 8.21 -13.93 13.60
C ASN A 32 9.00 -15.07 14.25
N THR A 33 9.63 -14.83 15.40
CA THR A 33 10.28 -15.93 16.11
C THR A 33 9.23 -16.78 16.83
N ILE A 34 8.10 -16.16 17.15
CA ILE A 34 7.04 -16.81 17.91
C ILE A 34 5.97 -17.37 16.96
N SER A 35 5.68 -18.65 17.11
CA SER A 35 4.84 -19.34 16.17
C SER A 35 3.38 -18.90 16.22
N GLU A 36 2.66 -19.06 15.11
CA GLU A 36 1.25 -18.70 15.05
C GLU A 36 0.44 -19.39 16.15
N GLY A 37 0.55 -20.71 16.22
CA GLY A 37 -0.03 -21.48 17.30
C GLY A 37 0.28 -20.92 18.69
N GLN A 38 1.50 -20.49 18.91
CA GLN A 38 1.83 -19.93 20.22
C GLN A 38 1.03 -18.65 20.44
N ILE A 39 1.05 -17.73 19.47
CA ILE A 39 0.14 -16.57 19.47
C ILE A 39 -1.34 -16.94 19.75
N ALA A 40 -1.85 -17.98 19.08
CA ALA A 40 -3.23 -18.38 19.31
C ALA A 40 -3.45 -18.82 20.77
N ALA A 41 -2.55 -19.66 21.26
CA ALA A 41 -2.55 -20.07 22.65
C ALA A 41 -2.51 -18.87 23.60
N LEU A 42 -1.70 -17.90 23.29
CA LEU A 42 -1.58 -16.77 24.21
C LEU A 42 -2.88 -16.01 24.24
N ALA A 43 -3.44 -15.75 23.07
CA ALA A 43 -4.66 -14.96 22.93
C ALA A 43 -5.80 -15.65 23.66
N MET A 44 -5.87 -16.96 23.49
CA MET A 44 -6.96 -17.70 24.09
C MET A 44 -6.85 -17.74 25.60
N THR A 45 -5.64 -17.67 26.15
CA THR A 45 -5.57 -17.65 27.61
C THR A 45 -5.90 -16.23 28.07
N ILE A 46 -5.61 -15.23 27.24
CA ILE A 46 -5.99 -13.90 27.62
C ILE A 46 -7.50 -13.81 27.55
N PHE A 47 -8.07 -14.38 26.50
CA PHE A 47 -9.51 -14.39 26.36
C PHE A 47 -10.14 -15.01 27.58
N PHE A 48 -9.42 -15.90 28.23
CA PHE A 48 -10.04 -16.61 29.31
C PHE A 48 -9.79 -16.00 30.69
N HIS A 49 -8.62 -15.41 30.90
CA HIS A 49 -8.22 -14.96 32.23
C HIS A 49 -8.21 -13.44 32.31
N ASP A 50 -8.46 -12.82 31.17
CA ASP A 50 -8.39 -11.37 31.05
C ASP A 50 -7.00 -10.83 31.46
N MET A 51 -6.91 -9.52 31.63
CA MET A 51 -5.67 -8.89 32.03
C MET A 51 -5.95 -7.78 33.01
N THR A 52 -5.05 -7.66 33.97
CA THR A 52 -5.11 -6.60 34.97
C THR A 52 -4.83 -5.27 34.28
N MET A 53 -5.03 -4.15 34.95
CA MET A 53 -4.68 -2.88 34.32
C MET A 53 -3.20 -2.85 33.95
N PRO A 54 -2.29 -3.16 34.90
CA PRO A 54 -0.88 -3.19 34.51
C PRO A 54 -0.58 -4.02 33.26
N GLU A 55 -1.17 -5.20 33.16
CA GLU A 55 -0.91 -6.08 32.01
C GLU A 55 -1.44 -5.44 30.74
N ARG A 56 -2.57 -4.77 30.86
CA ARG A 56 -3.18 -4.11 29.71
C ARG A 56 -2.28 -2.98 29.23
N VAL A 57 -1.85 -2.12 30.13
CA VAL A 57 -0.91 -1.09 29.77
C VAL A 57 0.37 -1.64 29.11
N SER A 58 1.00 -2.63 29.72
CA SER A 58 2.17 -3.26 29.14
C SER A 58 1.88 -3.79 27.75
N LEU A 59 0.82 -4.57 27.61
CA LEU A 59 0.48 -5.11 26.30
C LEU A 59 0.27 -3.99 25.24
N THR A 60 -0.28 -2.85 25.60
CA THR A 60 -0.50 -1.90 24.51
C THR A 60 0.73 -1.02 24.33
N MET A 61 1.44 -0.70 25.39
CA MET A 61 2.71 -0.02 25.19
C MET A 61 3.70 -0.87 24.41
N ALA A 62 3.64 -2.20 24.56
CA ALA A 62 4.57 -3.09 23.84
C ALA A 62 4.27 -3.07 22.37
N MET A 63 2.99 -3.11 22.03
CA MET A 63 2.57 -2.99 20.63
C MET A 63 2.91 -1.58 20.11
N ARG A 64 2.81 -0.58 20.98
CA ARG A 64 3.10 0.78 20.58
C ARG A 64 4.57 0.85 20.25
N ASP A 65 5.39 0.22 21.07
CA ASP A 65 6.83 0.32 20.89
C ASP A 65 7.36 -0.69 19.87
N SER A 66 6.49 -1.55 19.35
CA SER A 66 6.94 -2.60 18.45
C SER A 66 7.35 -2.03 17.11
N GLY A 67 7.01 -0.77 16.85
CA GLY A 67 7.47 -0.09 15.65
C GLY A 67 7.91 1.33 15.96
N THR A 68 7.69 2.22 14.99
CA THR A 68 8.04 3.65 15.11
C THR A 68 7.18 4.34 16.14
N VAL A 69 7.76 5.26 16.87
CA VAL A 69 6.99 6.09 17.80
C VAL A 69 7.44 7.53 17.63
N LEU A 70 6.60 8.35 17.01
CA LEU A 70 6.95 9.73 16.72
C LEU A 70 7.37 10.48 17.98
N ASP A 71 8.52 11.15 17.91
CA ASP A 71 9.03 11.98 18.99
C ASP A 71 8.94 13.45 18.54
N TRP A 72 8.29 14.28 19.34
CA TRP A 72 8.07 15.68 18.98
C TRP A 72 8.94 16.66 19.77
N LYS A 73 9.73 16.15 20.72
CA LYS A 73 10.49 17.01 21.63
C LYS A 73 11.38 18.02 20.89
N SER A 74 12.04 17.54 19.86
CA SER A 74 13.06 18.32 19.16
C SER A 74 12.53 19.49 18.36
N LEU A 75 11.22 19.71 18.35
CA LEU A 75 10.64 20.86 17.65
C LEU A 75 10.17 21.92 18.65
N ASN A 76 10.36 21.61 19.92
CA ASN A 76 9.99 22.49 21.03
C ASN A 76 8.62 23.16 20.86
N LEU A 77 7.66 22.42 20.31
CA LEU A 77 6.30 22.93 20.09
C LEU A 77 5.72 23.39 21.44
N ASN A 78 4.93 24.44 21.44
CA ASN A 78 4.45 24.88 22.73
C ASN A 78 2.97 24.66 22.92
N GLY A 79 2.49 23.53 22.37
CA GLY A 79 1.14 23.07 22.63
C GLY A 79 1.07 21.54 22.67
N PRO A 80 -0.11 20.99 22.97
CA PRO A 80 -0.34 19.56 23.11
C PRO A 80 -0.41 18.80 21.77
N ILE A 81 0.16 17.60 21.75
CA ILE A 81 -0.07 16.70 20.63
C ILE A 81 -1.33 15.88 20.94
N VAL A 82 -2.35 16.08 20.12
CA VAL A 82 -3.71 15.63 20.37
C VAL A 82 -4.28 14.93 19.15
N ASP A 83 -5.09 13.89 19.35
CA ASP A 83 -5.76 13.29 18.22
C ASP A 83 -7.12 12.72 18.64
N LYS A 84 -7.94 12.40 17.64
CA LYS A 84 -9.19 11.67 17.79
C LYS A 84 -9.00 10.26 17.28
N HIS A 85 -9.79 9.31 17.75
CA HIS A 85 -9.81 8.03 17.11
C HIS A 85 -11.24 7.59 17.18
N SER A 86 -11.62 6.66 16.33
CA SER A 86 -13.03 6.33 16.23
C SER A 86 -13.24 4.87 15.92
N THR A 87 -14.42 4.35 16.23
CA THR A 87 -14.75 3.02 15.79
C THR A 87 -15.39 3.10 14.39
N GLY A 88 -15.67 4.33 13.93
CA GLY A 88 -16.07 4.60 12.56
C GLY A 88 -17.54 4.44 12.23
N GLY A 89 -17.96 5.03 11.12
CA GLY A 89 -19.32 4.87 10.66
C GLY A 89 -19.56 5.51 9.31
N VAL A 90 -20.79 5.40 8.81
CA VAL A 90 -21.12 5.95 7.50
C VAL A 90 -21.45 7.45 7.59
N GLY A 91 -20.76 8.21 6.76
CA GLY A 91 -20.98 9.64 6.72
C GLY A 91 -20.27 10.29 7.89
N ASP A 92 -19.41 9.52 8.56
CA ASP A 92 -18.63 10.10 9.66
C ASP A 92 -17.44 10.89 9.10
N VAL A 93 -17.67 12.15 8.77
CA VAL A 93 -16.62 12.98 8.18
C VAL A 93 -15.87 13.85 9.23
N THR A 94 -16.18 13.67 10.52
CA THR A 94 -15.78 14.61 11.58
C THR A 94 -14.31 15.02 11.55
N SER A 95 -13.41 14.06 11.28
CA SER A 95 -11.98 14.32 11.31
C SER A 95 -11.57 15.51 10.46
N LEU A 96 -12.16 15.61 9.26
CA LEU A 96 -11.83 16.71 8.33
C LEU A 96 -12.07 18.09 8.92
N MET A 97 -13.06 18.22 9.80
CA MET A 97 -13.31 19.48 10.51
C MET A 97 -12.60 19.56 11.86
N LEU A 98 -12.54 18.43 12.59
CA LEU A 98 -12.00 18.41 13.93
C LEU A 98 -10.49 18.71 14.02
N GLY A 99 -9.69 18.17 13.10
CA GLY A 99 -8.28 18.56 13.03
C GLY A 99 -8.05 20.05 12.83
N PRO A 100 -8.67 20.64 11.78
CA PRO A 100 -8.55 22.09 11.57
C PRO A 100 -9.02 22.93 12.75
N MET A 101 -10.14 22.57 13.39
CA MET A 101 -10.70 23.34 14.51
C MET A 101 -9.79 23.30 15.73
N VAL A 102 -9.39 22.10 16.14
CA VAL A 102 -8.50 21.99 17.30
C VAL A 102 -7.15 22.67 17.05
N ALA A 103 -6.62 22.57 15.83
CA ALA A 103 -5.33 23.19 15.48
C ALA A 103 -5.44 24.71 15.54
N ALA A 104 -6.59 25.24 15.13
CA ALA A 104 -6.88 26.65 15.22
C ALA A 104 -6.91 27.12 16.68
N CYS A 105 -7.24 26.23 17.61
CA CYS A 105 -7.24 26.61 19.02
C CYS A 105 -5.92 26.25 19.72
N GLY A 106 -4.90 25.89 18.95
CA GLY A 106 -3.57 25.73 19.51
C GLY A 106 -3.06 24.32 19.71
N GLY A 107 -3.75 23.35 19.12
CA GLY A 107 -3.33 21.96 19.23
C GLY A 107 -2.55 21.49 18.02
N TYR A 108 -1.74 20.45 18.21
CA TYR A 108 -1.06 19.84 17.08
C TYR A 108 -1.61 18.44 16.87
N VAL A 109 -2.09 18.22 15.66
CA VAL A 109 -2.92 17.09 15.40
C VAL A 109 -2.34 16.27 14.24
N PRO A 110 -1.48 15.29 14.55
CA PRO A 110 -0.95 14.47 13.46
C PRO A 110 -1.85 13.29 13.17
N MET A 111 -2.89 13.47 12.37
CA MET A 111 -3.81 12.38 12.11
C MET A 111 -3.18 11.37 11.15
N ILE A 112 -2.93 10.15 11.63
CA ILE A 112 -2.45 9.09 10.76
C ILE A 112 -3.59 8.09 10.63
N SER A 113 -4.09 7.86 9.41
CA SER A 113 -5.27 7.01 9.23
C SER A 113 -4.99 5.78 8.38
N GLY A 114 -6.05 5.00 8.13
CA GLY A 114 -5.92 3.76 7.38
C GLY A 114 -6.66 3.70 6.05
N ARG A 115 -6.56 2.55 5.38
CA ARG A 115 -7.20 2.31 4.08
C ARG A 115 -7.83 0.91 3.97
N GLY A 116 -8.61 0.71 2.90
CA GLY A 116 -9.22 -0.58 2.58
C GLY A 116 -10.61 -0.70 3.17
N LEU A 117 -10.78 -1.70 4.03
CA LEU A 117 -11.93 -1.80 4.94
C LEU A 117 -13.25 -1.90 4.16
N GLY A 118 -14.35 -2.05 4.90
CA GLY A 118 -15.62 -2.47 4.31
C GLY A 118 -16.65 -1.38 4.12
N HIS A 119 -17.78 -1.55 4.77
CA HIS A 119 -19.02 -0.72 4.71
C HIS A 119 -18.74 0.77 5.01
N THR A 120 -17.81 1.02 5.94
CA THR A 120 -17.47 2.35 6.29
C THR A 120 -16.25 2.75 5.49
N GLY A 121 -16.21 4.01 5.08
CA GLY A 121 -15.14 4.49 4.21
C GLY A 121 -14.08 5.35 4.87
N GLY A 122 -12.83 5.23 4.38
CA GLY A 122 -11.70 5.87 5.03
C GLY A 122 -11.58 7.37 4.83
N THR A 123 -10.91 8.07 5.74
CA THR A 123 -10.62 9.50 5.63
C THR A 123 -9.68 9.83 4.48
N LEU A 124 -8.68 8.99 4.28
CA LEU A 124 -7.72 9.20 3.21
C LEU A 124 -8.37 9.07 1.82
N ASP A 125 -9.27 8.11 1.67
CA ASP A 125 -9.99 8.04 0.42
C ASP A 125 -10.64 9.40 0.19
N LYS A 126 -11.29 9.93 1.22
CA LYS A 126 -12.03 11.17 1.06
C LYS A 126 -11.12 12.30 0.61
N LEU A 127 -10.01 12.52 1.31
CA LEU A 127 -9.09 13.61 0.97
C LEU A 127 -8.50 13.43 -0.40
N GLU A 128 -8.34 12.18 -0.82
CA GLU A 128 -7.75 11.93 -2.14
C GLU A 128 -8.67 12.37 -3.29
N ALA A 129 -9.91 12.76 -2.99
CA ALA A 129 -10.78 13.40 -3.98
C ALA A 129 -10.25 14.78 -4.36
N ILE A 130 -9.50 15.42 -3.46
CA ILE A 130 -8.85 16.71 -3.73
C ILE A 130 -7.65 16.53 -4.66
N PRO A 131 -7.76 17.02 -5.90
CA PRO A 131 -6.67 16.75 -6.84
C PRO A 131 -5.34 17.23 -6.27
N GLY A 132 -4.34 16.37 -6.40
CA GLY A 132 -3.00 16.77 -6.04
C GLY A 132 -2.68 16.47 -4.60
N PHE A 133 -3.71 16.20 -3.79
CA PHE A 133 -3.54 16.09 -2.35
C PHE A 133 -2.70 14.85 -2.06
N ASP A 134 -1.65 15.00 -1.25
CA ASP A 134 -0.69 13.93 -0.95
C ASP A 134 -0.79 13.38 0.52
N ILE A 135 -1.35 12.18 0.66
CA ILE A 135 -1.48 11.59 1.97
C ILE A 135 -0.20 10.86 2.46
N PHE A 136 0.89 10.96 1.70
CA PHE A 136 2.14 10.32 2.12
C PHE A 136 3.38 11.23 2.14
N PRO A 137 3.31 12.37 2.81
CA PRO A 137 4.55 13.15 2.91
C PRO A 137 5.65 12.37 3.63
N ASP A 138 6.90 12.80 3.51
CA ASP A 138 7.96 12.12 4.24
C ASP A 138 8.07 12.78 5.60
N ASP A 139 8.82 12.16 6.50
CA ASP A 139 8.86 12.57 7.89
C ASP A 139 9.14 14.04 8.08
N ASN A 140 10.12 14.58 7.38
CA ASN A 140 10.46 15.98 7.58
C ASN A 140 9.36 16.93 7.07
N ARG A 141 8.74 16.57 5.96
CA ARG A 141 7.56 17.25 5.46
C ARG A 141 6.49 17.34 6.56
N PHE A 142 6.05 16.15 6.99
CA PHE A 142 5.15 15.96 8.11
C PHE A 142 5.44 16.88 9.28
N ARG A 143 6.65 16.84 9.83
CA ARG A 143 6.96 17.70 10.97
C ARG A 143 6.74 19.14 10.57
N GLU A 144 7.23 19.50 9.39
CA GLU A 144 7.13 20.88 8.89
C GLU A 144 5.66 21.31 8.83
N ILE A 145 4.81 20.43 8.31
CA ILE A 145 3.38 20.69 8.25
C ILE A 145 2.76 20.81 9.65
N ILE A 146 3.07 19.88 10.56
CA ILE A 146 2.51 19.92 11.90
C ILE A 146 3.04 21.17 12.58
N GLN A 147 4.27 21.55 12.24
CA GLN A 147 4.86 22.69 12.88
C GLN A 147 4.24 23.98 12.36
N ASP A 148 3.94 24.03 11.07
CA ASP A 148 3.56 25.32 10.47
C ASP A 148 2.05 25.52 10.36
N VAL A 149 1.34 24.42 10.10
CA VAL A 149 -0.11 24.42 9.97
C VAL A 149 -0.78 23.90 11.23
N GLY A 150 -0.14 22.93 11.90
CA GLY A 150 -0.66 22.41 13.15
C GLY A 150 -1.49 21.15 13.00
N VAL A 151 -1.76 20.75 11.75
CA VAL A 151 -2.50 19.53 11.46
C VAL A 151 -2.09 18.94 10.10
N ALA A 152 -2.16 17.62 9.99
CA ALA A 152 -1.84 16.92 8.75
C ALA A 152 -2.52 15.58 8.85
N ILE A 153 -2.96 15.07 7.71
CA ILE A 153 -3.72 13.83 7.69
C ILE A 153 -3.07 12.93 6.67
N ILE A 154 -2.24 12.00 7.14
CA ILE A 154 -1.46 11.14 6.27
C ILE A 154 -1.79 9.68 6.50
N GLY A 155 -1.03 8.77 5.92
CA GLY A 155 -1.48 7.39 5.85
C GLY A 155 -0.46 6.31 6.11
N GLN A 156 0.69 6.69 6.67
CA GLN A 156 1.79 5.76 6.87
C GLN A 156 1.65 4.97 8.17
N THR A 157 0.72 4.02 8.17
CA THR A 157 0.48 3.14 9.32
C THR A 157 1.44 1.94 9.38
N SER A 158 2.02 1.56 8.23
CA SER A 158 2.92 0.39 8.11
C SER A 158 3.97 0.25 9.23
N SER A 159 4.72 1.32 9.50
CA SER A 159 5.77 1.26 10.52
C SER A 159 5.24 1.55 11.93
N LEU A 160 3.93 1.49 12.10
CA LEU A 160 3.31 1.72 13.42
C LEU A 160 2.67 0.45 13.93
N ALA A 161 2.99 0.10 15.18
CA ALA A 161 2.49 -1.11 15.83
C ALA A 161 2.44 -2.36 14.94
N PRO A 162 3.56 -2.70 14.26
CA PRO A 162 3.55 -3.81 13.29
C PRO A 162 3.18 -5.15 13.92
N ALA A 163 3.46 -5.32 15.21
CA ALA A 163 3.12 -6.57 15.91
C ALA A 163 1.65 -6.92 15.82
N ASP A 164 0.81 -5.92 15.59
CA ASP A 164 -0.63 -6.11 15.60
C ASP A 164 -1.13 -6.83 14.36
N LYS A 165 -0.36 -6.75 13.27
CA LYS A 165 -0.75 -7.42 12.03
C LYS A 165 -0.87 -8.92 12.23
N ARG A 166 0.21 -9.55 12.66
CA ARG A 166 0.17 -10.98 12.92
C ARG A 166 -0.75 -11.32 14.08
N PHE A 167 -0.76 -10.46 15.09
CA PHE A 167 -1.63 -10.65 16.25
C PHE A 167 -3.10 -10.71 15.85
N TYR A 168 -3.57 -9.65 15.19
CA TYR A 168 -4.96 -9.57 14.74
C TYR A 168 -5.31 -10.68 13.75
N ALA A 169 -4.43 -10.93 12.81
CA ALA A 169 -4.67 -11.96 11.81
C ALA A 169 -5.00 -13.26 12.50
N THR A 170 -4.17 -13.59 13.49
CA THR A 170 -4.29 -14.86 14.18
C THR A 170 -5.55 -14.87 15.05
N ARG A 171 -5.83 -13.75 15.72
CA ARG A 171 -7.03 -13.63 16.55
C ARG A 171 -8.25 -13.91 15.70
N ASP A 172 -8.20 -13.44 14.45
CA ASP A 172 -9.35 -13.47 13.55
C ASP A 172 -9.62 -14.83 12.87
N ILE A 173 -8.91 -15.89 13.25
CA ILE A 173 -9.24 -17.23 12.74
C ILE A 173 -9.36 -18.23 13.87
N THR A 174 -9.14 -17.75 15.08
CA THR A 174 -9.13 -18.61 16.26
C THR A 174 -10.24 -18.26 17.26
N ALA A 175 -11.05 -17.26 16.90
CA ALA A 175 -12.15 -16.81 17.74
C ALA A 175 -11.59 -16.22 19.01
N THR A 176 -10.57 -15.38 18.87
CA THR A 176 -10.05 -14.63 20.01
C THR A 176 -10.03 -13.14 19.66
N VAL A 177 -10.89 -12.74 18.75
CA VAL A 177 -11.01 -11.31 18.43
C VAL A 177 -11.70 -10.59 19.58
N ASP A 178 -12.66 -11.30 20.16
CA ASP A 178 -13.65 -10.74 21.05
C ASP A 178 -13.20 -10.78 22.50
N SER A 179 -12.20 -9.96 22.79
CA SER A 179 -11.59 -9.87 24.10
C SER A 179 -11.20 -8.43 24.27
N ILE A 180 -11.76 -7.78 25.28
CA ILE A 180 -11.59 -6.36 25.45
C ILE A 180 -10.12 -5.93 25.67
N PRO A 181 -9.34 -6.71 26.44
CA PRO A 181 -7.95 -6.23 26.48
C PRO A 181 -7.20 -6.44 25.16
N LEU A 182 -7.50 -7.50 24.42
CA LEU A 182 -6.91 -7.63 23.08
C LEU A 182 -7.40 -6.49 22.16
N ILE A 183 -8.72 -6.33 22.03
CA ILE A 183 -9.30 -5.21 21.30
C ILE A 183 -8.70 -3.83 21.68
N THR A 184 -8.60 -3.56 22.97
CA THR A 184 -8.08 -2.28 23.44
C THR A 184 -6.67 -2.02 22.94
N GLY A 185 -5.82 -3.04 23.02
CA GLY A 185 -4.43 -2.87 22.63
C GLY A 185 -4.31 -2.68 21.14
N SER A 186 -5.12 -3.44 20.40
CA SER A 186 -5.11 -3.35 18.95
C SER A 186 -5.58 -1.98 18.47
N ILE A 187 -6.78 -1.58 18.90
CA ILE A 187 -7.34 -0.25 18.60
C ILE A 187 -6.43 0.89 19.06
N LEU A 188 -5.78 0.75 20.21
CA LEU A 188 -5.13 1.91 20.77
C LEU A 188 -3.65 2.08 20.33
N ALA A 189 -2.96 0.97 20.01
CA ALA A 189 -1.51 1.01 19.81
C ALA A 189 -1.07 1.91 18.65
N LYS A 190 -1.70 1.71 17.49
CA LYS A 190 -1.35 2.48 16.31
C LYS A 190 -1.51 3.95 16.60
N LYS A 191 -2.62 4.32 17.25
CA LYS A 191 -2.81 5.72 17.60
C LYS A 191 -1.83 6.18 18.66
N LEU A 192 -1.43 5.33 19.62
CA LEU A 192 -0.53 5.81 20.68
C LEU A 192 0.87 6.09 20.14
N ALA A 193 1.20 5.43 19.03
CA ALA A 193 2.47 5.59 18.30
C ALA A 193 2.71 7.00 17.74
N GLU A 194 1.66 7.78 17.54
CA GLU A 194 1.84 9.17 17.09
C GLU A 194 2.49 10.05 18.14
N GLY A 195 2.71 9.48 19.32
CA GLY A 195 3.35 10.20 20.41
C GLY A 195 2.47 11.28 21.01
N LEU A 196 1.23 10.94 21.36
CA LEU A 196 0.25 11.96 21.73
C LEU A 196 0.36 12.36 23.18
N ASP A 197 0.01 13.62 23.48
CA ASP A 197 -0.13 14.09 24.86
C ASP A 197 -1.53 13.81 25.36
N ALA A 198 -2.53 13.90 24.48
CA ALA A 198 -3.93 13.73 24.85
C ALA A 198 -4.67 13.03 23.72
N LEU A 199 -5.84 12.47 24.01
CA LEU A 199 -6.57 11.74 22.97
C LEU A 199 -8.06 11.62 23.27
N VAL A 200 -8.92 11.79 22.28
CA VAL A 200 -10.31 11.39 22.52
C VAL A 200 -10.73 10.22 21.63
N MET A 201 -11.58 9.36 22.19
CA MET A 201 -12.04 8.18 21.50
C MET A 201 -13.53 8.30 21.26
N ASP A 202 -13.96 8.05 20.04
CA ASP A 202 -15.36 8.08 19.69
C ASP A 202 -15.84 6.65 19.49
N VAL A 203 -16.72 6.18 20.36
CA VAL A 203 -17.22 4.84 20.28
C VAL A 203 -18.64 4.96 19.82
N LYS A 204 -18.98 4.35 18.70
CA LYS A 204 -20.31 4.52 18.17
C LYS A 204 -21.31 3.63 18.89
N VAL A 205 -22.56 4.03 18.83
CA VAL A 205 -23.66 3.31 19.44
C VAL A 205 -24.77 3.27 18.43
N GLY A 206 -25.42 2.13 18.26
CA GLY A 206 -26.57 2.06 17.40
C GLY A 206 -26.44 0.93 16.41
N SER A 207 -27.44 0.81 15.54
CA SER A 207 -27.49 -0.24 14.56
C SER A 207 -26.23 -0.28 13.71
N GLY A 208 -25.70 0.89 13.37
CA GLY A 208 -24.53 0.96 12.51
C GLY A 208 -23.19 0.92 13.22
N ALA A 209 -23.19 0.62 14.51
CA ALA A 209 -21.95 0.68 15.29
C ALA A 209 -21.18 -0.66 15.35
N PHE A 210 -19.95 -0.60 15.85
CA PHE A 210 -19.07 -1.75 15.93
C PHE A 210 -19.38 -2.64 17.13
N MET A 211 -19.84 -2.05 18.22
CA MET A 211 -20.30 -2.83 19.37
C MET A 211 -21.82 -2.89 19.30
N PRO A 212 -22.40 -4.09 19.51
CA PRO A 212 -23.81 -4.25 19.15
C PRO A 212 -24.80 -3.54 20.11
N THR A 213 -24.50 -3.53 21.41
CA THR A 213 -25.35 -2.86 22.38
C THR A 213 -24.67 -1.67 23.05
N TYR A 214 -25.48 -0.68 23.41
CA TYR A 214 -25.07 0.42 24.26
C TYR A 214 -24.21 -0.06 25.45
N GLU A 215 -24.60 -1.17 26.07
CA GLU A 215 -23.84 -1.68 27.21
C GLU A 215 -22.40 -1.91 26.82
N LEU A 216 -22.23 -2.60 25.69
CA LEU A 216 -20.91 -3.04 25.24
C LEU A 216 -20.05 -1.90 24.72
N SER A 217 -20.66 -0.96 23.99
CA SER A 217 -19.96 0.25 23.60
C SER A 217 -19.36 0.92 24.84
N GLU A 218 -20.17 1.03 25.89
CA GLU A 218 -19.72 1.70 27.09
C GLU A 218 -18.54 0.93 27.70
N ALA A 219 -18.61 -0.38 27.68
CA ALA A 219 -17.54 -1.23 28.25
C ALA A 219 -16.23 -1.00 27.53
N LEU A 220 -16.27 -1.08 26.20
CA LEU A 220 -15.10 -0.85 25.38
C LEU A 220 -14.49 0.50 25.67
N ALA A 221 -15.34 1.52 25.72
CA ALA A 221 -14.92 2.88 25.94
C ALA A 221 -14.22 3.05 27.28
N GLU A 222 -14.76 2.42 28.31
CA GLU A 222 -14.15 2.47 29.63
C GLU A 222 -12.78 1.80 29.60
N ALA A 223 -12.67 0.68 28.87
CA ALA A 223 -11.39 -0.03 28.77
C ALA A 223 -10.33 0.84 28.10
N ILE A 224 -10.67 1.39 26.94
CA ILE A 224 -9.75 2.22 26.17
C ILE A 224 -9.25 3.37 27.00
N VAL A 225 -10.16 3.98 27.74
CA VAL A 225 -9.81 5.14 28.55
C VAL A 225 -8.91 4.74 29.76
N GLY A 226 -9.19 3.58 30.34
CA GLY A 226 -8.36 3.11 31.43
C GLY A 226 -6.94 2.86 30.96
N VAL A 227 -6.84 2.19 29.83
CA VAL A 227 -5.54 1.85 29.28
C VAL A 227 -4.80 3.07 28.76
N ALA A 228 -5.43 3.86 27.90
CA ALA A 228 -4.73 5.02 27.35
C ALA A 228 -4.23 5.91 28.48
N ASN A 229 -5.01 6.03 29.54
CA ASN A 229 -4.59 6.91 30.64
C ASN A 229 -3.43 6.29 31.42
N GLY A 230 -3.44 4.96 31.53
CA GLY A 230 -2.36 4.25 32.19
C GLY A 230 -1.09 4.30 31.37
N ALA A 231 -1.26 4.51 30.07
CA ALA A 231 -0.16 4.65 29.14
C ALA A 231 0.31 6.09 29.04
N GLY A 232 -0.14 6.93 29.94
CA GLY A 232 0.42 8.27 30.04
C GLY A 232 -0.18 9.29 29.10
N VAL A 233 -1.22 8.88 28.38
CA VAL A 233 -1.91 9.73 27.42
C VAL A 233 -3.27 10.14 28.00
N ARG A 234 -3.52 11.43 28.15
CA ARG A 234 -4.78 11.87 28.74
C ARG A 234 -5.97 11.61 27.80
N THR A 235 -6.87 10.75 28.21
CA THR A 235 -7.91 10.25 27.32
C THR A 235 -9.28 10.29 27.93
N THR A 236 -10.29 10.56 27.12
CA THR A 236 -11.68 10.33 27.48
C THR A 236 -12.37 9.72 26.26
N ALA A 237 -13.58 9.19 26.42
CA ALA A 237 -14.31 8.67 25.27
C ALA A 237 -15.71 9.30 25.23
N LEU A 238 -16.38 9.20 24.07
CA LEU A 238 -17.79 9.61 23.95
C LEU A 238 -18.51 8.53 23.21
N LEU A 239 -19.72 8.21 23.67
CA LEU A 239 -20.65 7.37 22.95
C LEU A 239 -21.42 8.27 22.00
N THR A 240 -21.26 8.10 20.70
CA THR A 240 -22.00 8.96 19.78
C THR A 240 -22.87 8.07 18.88
N ASP A 241 -23.90 8.68 18.31
CA ASP A 241 -24.96 7.92 17.67
C ASP A 241 -24.69 7.52 16.24
N MET A 242 -25.00 6.27 15.93
CA MET A 242 -24.80 5.75 14.61
C MET A 242 -26.00 4.90 14.21
N ASN A 243 -27.20 5.48 14.34
CA ASN A 243 -28.41 4.81 13.85
C ASN A 243 -28.85 5.37 12.49
N GLN A 244 -28.14 6.34 11.98
CA GLN A 244 -28.41 6.86 10.66
C GLN A 244 -27.07 7.40 10.14
N VAL A 245 -27.04 7.92 8.91
CA VAL A 245 -25.81 8.54 8.43
C VAL A 245 -25.52 9.78 9.30
N LEU A 246 -24.26 10.11 9.58
CA LEU A 246 -24.01 11.22 10.51
C LEU A 246 -24.12 12.54 9.78
N ALA A 247 -23.25 12.74 8.78
CA ALA A 247 -23.38 13.85 7.83
C ALA A 247 -24.62 13.68 6.95
N SER A 248 -24.84 14.66 6.06
CA SER A 248 -25.89 14.60 5.05
C SER A 248 -25.41 13.94 3.76
N SER A 249 -24.11 13.67 3.72
CA SER A 249 -23.48 13.04 2.58
C SER A 249 -22.88 11.67 2.94
N ALA A 250 -22.84 10.78 1.97
CA ALA A 250 -21.98 9.63 2.04
C ALA A 250 -21.19 9.51 0.74
N GLY A 251 -19.87 9.51 0.86
CA GLY A 251 -19.01 9.33 -0.30
C GLY A 251 -17.65 9.96 -0.05
N ASN A 252 -17.01 10.47 -1.10
CA ASN A 252 -15.70 11.08 -0.97
C ASN A 252 -15.66 12.58 -1.28
N ALA A 253 -15.67 12.94 -2.57
CA ALA A 253 -15.83 14.34 -2.95
C ALA A 253 -17.04 14.94 -2.22
N VAL A 254 -18.14 14.21 -2.13
CA VAL A 254 -19.33 14.82 -1.54
C VAL A 254 -19.11 15.09 -0.05
N GLU A 255 -18.36 14.24 0.63
CA GLU A 255 -18.11 14.45 2.06
C GLU A 255 -17.05 15.52 2.31
N VAL A 256 -16.08 15.69 1.40
CA VAL A 256 -15.16 16.82 1.46
C VAL A 256 -15.89 18.18 1.29
N ARG A 257 -16.82 18.20 0.35
CA ARG A 257 -17.64 19.37 0.14
C ARG A 257 -18.43 19.67 1.39
N GLU A 258 -19.02 18.66 2.00
CA GLU A 258 -19.78 18.92 3.21
C GLU A 258 -18.84 19.48 4.31
N ALA A 259 -17.67 18.87 4.44
CA ALA A 259 -16.71 19.26 5.45
C ALA A 259 -16.31 20.73 5.29
N VAL A 260 -16.00 21.16 4.06
CA VAL A 260 -15.65 22.56 3.84
C VAL A 260 -16.84 23.46 4.16
N GLN A 261 -18.04 23.11 3.71
CA GLN A 261 -19.24 23.90 4.06
C GLN A 261 -19.58 23.91 5.59
N PHE A 262 -19.19 22.85 6.28
CA PHE A 262 -19.36 22.83 7.71
C PHE A 262 -18.42 23.89 8.28
N LEU A 263 -17.22 24.00 7.71
CA LEU A 263 -16.23 24.85 8.34
C LEU A 263 -16.48 26.29 7.96
N THR A 264 -16.94 26.55 6.73
CA THR A 264 -17.09 27.93 6.35
C THR A 264 -18.37 28.42 6.93
N GLY A 265 -19.33 27.50 7.14
CA GLY A 265 -20.63 27.85 7.69
C GLY A 265 -21.74 27.86 6.68
N GLU A 266 -21.42 27.50 5.44
CA GLU A 266 -22.38 27.43 4.33
C GLU A 266 -23.46 26.38 4.63
N TYR A 267 -23.07 25.32 5.34
CA TYR A 267 -24.01 24.34 5.85
C TYR A 267 -23.45 23.49 6.97
N ARG A 268 -24.19 23.38 8.06
CA ARG A 268 -23.78 22.55 9.17
C ARG A 268 -24.92 21.68 9.60
N ASN A 269 -24.86 20.42 9.17
CA ASN A 269 -25.83 19.46 9.66
C ASN A 269 -25.76 19.50 11.18
N PRO A 270 -26.92 19.64 11.84
CA PRO A 270 -26.95 19.79 13.30
C PRO A 270 -26.41 18.53 14.04
N ARG A 271 -26.68 17.33 13.54
CA ARG A 271 -26.25 16.11 14.23
C ARG A 271 -24.72 15.94 14.14
N LEU A 272 -24.18 16.13 12.94
CA LEU A 272 -22.75 16.20 12.72
C LEU A 272 -22.07 17.26 13.56
N PHE A 273 -22.67 18.44 13.59
CA PHE A 273 -22.14 19.52 14.44
C PHE A 273 -22.02 19.09 15.90
N ASP A 274 -23.13 18.66 16.51
CA ASP A 274 -23.09 18.20 17.89
C ASP A 274 -21.96 17.21 18.16
N VAL A 275 -21.81 16.19 17.32
CA VAL A 275 -20.75 15.22 17.51
C VAL A 275 -19.36 15.86 17.38
N THR A 276 -19.14 16.57 16.28
CA THR A 276 -17.86 17.23 16.01
C THR A 276 -17.48 18.16 17.15
N MET A 277 -18.44 18.93 17.63
CA MET A 277 -18.22 19.79 18.78
C MET A 277 -17.82 19.00 20.01
N ALA A 278 -18.66 18.06 20.43
CA ALA A 278 -18.39 17.31 21.65
C ALA A 278 -16.95 16.72 21.61
N LEU A 279 -16.57 16.15 20.47
CA LEU A 279 -15.25 15.54 20.35
C LEU A 279 -14.13 16.59 20.41
N CYS A 280 -14.29 17.72 19.71
CA CYS A 280 -13.29 18.80 19.79
C CYS A 280 -13.10 19.34 21.20
N VAL A 281 -14.22 19.43 21.95
CA VAL A 281 -14.19 19.84 23.36
C VAL A 281 -13.32 18.88 24.19
N GLU A 282 -13.53 17.57 24.06
CA GLU A 282 -12.71 16.63 24.82
C GLU A 282 -11.24 16.93 24.56
N MET A 283 -10.89 17.08 23.28
CA MET A 283 -9.51 17.37 22.89
C MET A 283 -8.88 18.61 23.51
N LEU A 284 -9.58 19.76 23.46
CA LEU A 284 -9.06 20.95 24.11
C LEU A 284 -8.92 20.70 25.62
N ILE A 285 -9.92 20.09 26.25
CA ILE A 285 -9.79 19.91 27.69
C ILE A 285 -8.67 18.92 28.08
N SER A 286 -8.69 17.69 27.54
CA SER A 286 -7.63 16.72 27.81
C SER A 286 -6.23 17.28 27.51
N GLY A 287 -6.11 18.05 26.44
CA GLY A 287 -4.86 18.67 26.07
C GLY A 287 -4.63 20.04 26.71
N GLN A 288 -5.49 20.42 27.65
CA GLN A 288 -5.21 21.60 28.49
C GLN A 288 -5.13 22.87 27.68
N LEU A 289 -6.07 23.03 26.74
CA LEU A 289 -6.16 24.21 25.90
C LEU A 289 -7.41 24.99 26.25
N ALA A 290 -8.19 24.42 27.16
CA ALA A 290 -9.45 25.00 27.61
C ALA A 290 -9.67 24.49 29.00
N LYS A 291 -10.30 25.28 29.86
CA LYS A 291 -10.40 24.87 31.25
C LYS A 291 -11.63 24.01 31.52
N ASP A 292 -12.66 24.14 30.67
CA ASP A 292 -13.91 23.41 30.86
C ASP A 292 -14.73 23.36 29.57
N ASP A 293 -15.89 22.71 29.62
CA ASP A 293 -16.74 22.58 28.45
C ASP A 293 -17.15 23.92 27.78
N ALA A 294 -17.29 24.99 28.54
CA ALA A 294 -17.82 26.23 27.99
C ALA A 294 -16.74 27.13 27.39
N GLU A 295 -15.57 27.16 27.98
CA GLU A 295 -14.45 27.82 27.37
C GLU A 295 -14.11 27.11 26.04
N ALA A 296 -14.07 25.79 26.06
CA ALA A 296 -13.80 25.02 24.85
C ALA A 296 -14.81 25.31 23.74
N ARG A 297 -16.11 25.22 24.04
CA ARG A 297 -17.13 25.51 23.02
C ARG A 297 -17.02 26.91 22.44
N ALA A 298 -16.75 27.87 23.31
CA ALA A 298 -16.55 29.23 22.91
C ALA A 298 -15.37 29.34 21.92
N LYS A 299 -14.22 28.79 22.30
CA LYS A 299 -13.06 28.80 21.44
C LYS A 299 -13.33 28.13 20.10
N LEU A 300 -14.13 27.07 20.11
CA LEU A 300 -14.39 26.28 18.92
C LEU A 300 -15.38 27.03 18.03
N GLN A 301 -16.43 27.55 18.66
CA GLN A 301 -17.43 28.23 17.90
C GLN A 301 -16.79 29.39 17.17
N ALA A 302 -15.83 30.03 17.84
CA ALA A 302 -15.22 31.25 17.34
C ALA A 302 -14.44 30.99 16.07
N VAL A 303 -13.62 29.96 16.09
CA VAL A 303 -12.86 29.69 14.89
C VAL A 303 -13.76 29.17 13.78
N LEU A 304 -15.03 28.88 14.06
CA LEU A 304 -15.95 28.54 12.97
C LEU A 304 -16.48 29.84 12.36
N ASP A 305 -16.87 30.76 13.23
CA ASP A 305 -17.46 32.04 12.85
C ASP A 305 -16.49 32.99 12.10
N ASN A 306 -15.21 32.98 12.47
CA ASN A 306 -14.26 33.86 11.84
C ASN A 306 -13.42 33.17 10.77
N GLY A 307 -13.89 32.02 10.30
CA GLY A 307 -13.27 31.38 9.16
C GLY A 307 -11.86 30.90 9.39
N LYS A 308 -11.40 30.91 10.64
CA LYS A 308 -10.03 30.53 10.94
C LYS A 308 -9.85 29.02 10.79
N ALA A 309 -10.83 28.26 11.28
CA ALA A 309 -10.76 26.81 11.16
C ALA A 309 -10.70 26.46 9.69
N ALA A 310 -11.55 27.13 8.91
CA ALA A 310 -11.66 26.87 7.50
C ALA A 310 -10.31 27.19 6.84
N GLU A 311 -9.66 28.22 7.35
CA GLU A 311 -8.38 28.64 6.81
C GLU A 311 -7.30 27.62 7.12
N VAL A 312 -7.36 27.01 8.31
CA VAL A 312 -6.38 25.98 8.67
C VAL A 312 -6.56 24.75 7.75
N PHE A 313 -7.80 24.37 7.50
CA PHE A 313 -8.02 23.25 6.61
C PHE A 313 -7.42 23.57 5.24
N GLY A 314 -7.54 24.84 4.84
CA GLY A 314 -7.04 25.27 3.55
C GLY A 314 -5.53 25.23 3.46
N ARG A 315 -4.86 25.75 4.49
CA ARG A 315 -3.41 25.71 4.55
C ARG A 315 -2.90 24.27 4.57
N MET A 316 -3.69 23.39 5.18
CA MET A 316 -3.32 21.99 5.27
C MET A 316 -3.39 21.35 3.89
N VAL A 317 -4.46 21.61 3.17
CA VAL A 317 -4.61 21.09 1.82
C VAL A 317 -3.43 21.61 0.96
N ALA A 318 -3.09 22.87 1.16
CA ALA A 318 -1.99 23.48 0.40
C ALA A 318 -0.69 22.80 0.76
N ALA A 319 -0.43 22.68 2.06
CA ALA A 319 0.83 22.11 2.51
C ALA A 319 0.98 20.67 2.04
N GLN A 320 -0.15 19.99 1.78
CA GLN A 320 -0.09 18.61 1.33
C GLN A 320 -0.34 18.50 -0.18
N LYS A 321 -0.03 19.61 -0.87
CA LYS A 321 0.08 19.71 -2.35
C LYS A 321 -1.25 19.75 -3.09
N GLY A 322 -2.31 20.14 -2.39
CA GLY A 322 -3.56 20.44 -3.09
C GLY A 322 -3.43 21.89 -3.53
N PRO A 323 -4.46 22.43 -4.18
CA PRO A 323 -4.51 23.83 -4.60
C PRO A 323 -4.51 24.80 -3.42
N SER A 324 -3.73 25.87 -3.49
CA SER A 324 -3.75 26.90 -2.46
C SER A 324 -5.13 27.45 -2.13
N ASP A 325 -5.99 27.50 -3.13
CA ASP A 325 -7.27 28.17 -3.01
C ASP A 325 -8.43 27.18 -2.90
N PHE A 326 -8.21 26.02 -2.30
CA PHE A 326 -9.24 25.01 -2.27
C PHE A 326 -10.52 25.47 -1.60
N VAL A 327 -10.43 26.15 -0.46
CA VAL A 327 -11.63 26.54 0.31
C VAL A 327 -12.53 27.57 -0.43
N GLU A 328 -11.94 28.47 -1.19
CA GLU A 328 -12.75 29.46 -1.91
C GLU A 328 -13.40 28.84 -3.14
N ASN A 329 -12.75 27.80 -3.65
CA ASN A 329 -13.07 27.25 -4.94
C ASN A 329 -13.21 25.75 -5.01
N TYR A 330 -13.79 25.15 -3.99
CA TYR A 330 -13.78 23.71 -3.98
C TYR A 330 -14.57 23.12 -5.13
N ASP A 331 -15.60 23.82 -5.62
CA ASP A 331 -16.43 23.24 -6.66
C ASP A 331 -15.70 23.14 -7.98
N LYS A 332 -14.60 23.88 -8.06
CA LYS A 332 -13.78 23.93 -9.26
C LYS A 332 -12.83 22.73 -9.33
N TYR A 333 -12.43 22.21 -8.18
CA TYR A 333 -11.53 21.05 -8.12
C TYR A 333 -12.24 19.70 -7.92
N LEU A 334 -13.22 19.64 -7.03
CA LEU A 334 -13.85 18.37 -6.69
C LEU A 334 -14.53 17.74 -7.88
N PRO A 335 -14.24 16.45 -8.13
CA PRO A 335 -14.83 15.70 -9.24
C PRO A 335 -16.34 15.71 -9.14
N THR A 336 -17.00 15.70 -10.29
CA THR A 336 -18.44 15.77 -10.32
C THR A 336 -19.00 14.55 -11.04
N ALA A 337 -20.03 13.95 -10.47
CA ALA A 337 -20.59 12.78 -11.10
C ALA A 337 -21.25 13.20 -12.38
N MET A 338 -21.29 12.29 -13.33
CA MET A 338 -21.90 12.52 -14.62
C MET A 338 -23.41 12.61 -14.44
N LEU A 339 -23.94 11.89 -13.45
CA LEU A 339 -25.37 11.89 -13.21
C LEU A 339 -25.68 12.07 -11.72
N SER A 340 -26.52 13.04 -11.40
CA SER A 340 -26.94 13.30 -10.04
C SER A 340 -28.40 13.56 -10.08
N LYS A 341 -29.16 12.93 -9.21
CA LYS A 341 -30.60 12.89 -9.35
C LYS A 341 -31.20 12.36 -8.04
N ALA A 342 -32.39 12.84 -7.68
CA ALA A 342 -33.00 12.47 -6.42
C ALA A 342 -33.69 11.14 -6.54
N VAL A 343 -33.82 10.44 -5.41
CA VAL A 343 -34.58 9.20 -5.38
C VAL A 343 -35.75 9.39 -4.42
N TYR A 344 -36.94 8.98 -4.85
CA TYR A 344 -38.13 9.15 -4.06
C TYR A 344 -38.58 7.83 -3.47
N ALA A 345 -39.12 7.86 -2.26
CA ALA A 345 -39.65 6.64 -1.67
C ALA A 345 -40.81 6.10 -2.53
N ASP A 346 -41.03 4.78 -2.47
CA ASP A 346 -42.17 4.11 -3.08
C ASP A 346 -43.48 4.56 -2.42
N THR A 347 -43.49 4.61 -1.10
CA THR A 347 -44.68 5.01 -0.34
C THR A 347 -44.42 6.28 0.44
N GLU A 348 -45.44 6.73 1.18
CA GLU A 348 -45.31 7.92 2.01
C GLU A 348 -45.31 7.53 3.48
N GLY A 349 -44.70 8.37 4.32
CA GLY A 349 -44.72 8.16 5.75
C GLY A 349 -43.55 8.88 6.36
N PHE A 350 -43.17 8.45 7.57
CA PHE A 350 -42.00 8.99 8.25
C PHE A 350 -40.83 8.03 8.16
N ILE A 351 -39.61 8.55 8.14
CA ILE A 351 -38.45 7.65 8.22
C ILE A 351 -38.31 7.18 9.67
N SER A 352 -38.42 5.88 9.85
CA SER A 352 -38.46 5.31 11.19
C SER A 352 -37.18 4.58 11.54
N ALA A 353 -36.52 4.05 10.52
CA ALA A 353 -35.21 3.44 10.69
C ALA A 353 -34.43 3.43 9.38
N MET A 354 -33.16 3.10 9.49
CA MET A 354 -32.23 3.22 8.38
C MET A 354 -31.10 2.20 8.56
N ASP A 355 -30.90 1.34 7.56
CA ASP A 355 -29.78 0.42 7.60
C ASP A 355 -28.53 1.12 7.07
N THR A 356 -27.67 1.60 7.96
CA THR A 356 -26.51 2.39 7.52
C THR A 356 -25.49 1.50 6.80
N ARG A 357 -25.29 0.27 7.28
CA ARG A 357 -24.32 -0.61 6.65
C ARG A 357 -24.70 -0.78 5.18
N ALA A 358 -25.99 -0.94 4.93
CA ALA A 358 -26.49 -1.13 3.58
C ALA A 358 -26.19 0.11 2.73
N LEU A 359 -26.55 1.27 3.28
CA LEU A 359 -26.24 2.54 2.61
C LEU A 359 -24.76 2.62 2.29
N GLY A 360 -23.93 2.30 3.29
CA GLY A 360 -22.49 2.24 3.11
C GLY A 360 -22.14 1.32 1.94
N MET A 361 -22.78 0.15 1.88
CA MET A 361 -22.49 -0.82 0.85
C MET A 361 -22.95 -0.32 -0.52
N ALA A 362 -24.10 0.36 -0.52
CA ALA A 362 -24.66 0.94 -1.73
C ALA A 362 -23.70 1.91 -2.36
N VAL A 363 -23.05 2.72 -1.53
CA VAL A 363 -22.03 3.65 -1.99
C VAL A 363 -20.82 2.91 -2.58
N VAL A 364 -20.40 1.81 -1.94
CA VAL A 364 -19.28 1.03 -2.46
C VAL A 364 -19.59 0.46 -3.85
N SER A 365 -20.78 -0.12 -4.03
CA SER A 365 -21.16 -0.66 -5.33
C SER A 365 -21.21 0.40 -6.41
N MET A 366 -21.50 1.64 -6.03
CA MET A 366 -21.45 2.74 -6.98
C MET A 366 -20.01 3.00 -7.39
N GLY A 367 -19.07 2.36 -6.71
CA GLY A 367 -17.67 2.60 -6.97
C GLY A 367 -17.04 3.56 -5.97
N GLY A 368 -17.82 3.93 -4.96
CA GLY A 368 -17.41 4.90 -3.98
C GLY A 368 -16.45 4.37 -2.93
N GLY A 369 -16.16 3.08 -3.02
CA GLY A 369 -15.21 2.44 -2.13
C GLY A 369 -14.74 1.14 -2.73
N ARG A 370 -14.28 0.24 -1.87
CA ARG A 370 -13.64 -0.98 -2.35
C ARG A 370 -14.24 -2.24 -1.75
N ARG A 371 -14.70 -3.16 -2.61
CA ARG A 371 -15.03 -4.52 -2.17
C ARG A 371 -13.72 -5.28 -2.01
N GLN A 372 -12.93 -5.27 -3.10
CA GLN A 372 -11.57 -5.77 -3.08
C GLN A 372 -10.61 -4.60 -2.88
N ALA A 373 -9.54 -4.80 -2.12
CA ALA A 373 -8.53 -3.76 -1.97
C ALA A 373 -7.82 -3.41 -3.29
N SER A 374 -7.94 -4.26 -4.32
CA SER A 374 -7.39 -3.97 -5.64
C SER A 374 -8.28 -3.01 -6.46
N ASP A 375 -9.50 -2.79 -5.96
CA ASP A 375 -10.46 -1.92 -6.61
C ASP A 375 -10.02 -0.45 -6.52
N THR A 376 -10.43 0.34 -7.51
CA THR A 376 -10.09 1.75 -7.58
C THR A 376 -11.34 2.57 -7.29
N ILE A 377 -11.18 3.72 -6.65
CA ILE A 377 -12.33 4.53 -6.29
C ILE A 377 -12.70 5.59 -7.32
N ASP A 378 -13.99 5.66 -7.63
CA ASP A 378 -14.55 6.84 -8.27
C ASP A 378 -14.88 7.88 -7.20
N TYR A 379 -14.10 8.95 -7.12
CA TYR A 379 -14.28 9.90 -6.05
C TYR A 379 -15.56 10.74 -6.17
N SER A 380 -16.10 10.82 -7.37
CA SER A 380 -17.24 11.69 -7.64
C SER A 380 -18.58 11.22 -7.13
N VAL A 381 -18.71 9.94 -6.74
CA VAL A 381 -20.04 9.33 -6.51
C VAL A 381 -20.41 9.16 -5.03
N GLY A 382 -21.70 9.11 -4.74
CA GLY A 382 -22.15 8.98 -3.36
C GLY A 382 -23.54 9.57 -3.22
N PHE A 383 -23.95 9.85 -1.98
CA PHE A 383 -25.27 10.44 -1.74
C PHE A 383 -25.13 11.83 -1.18
N THR A 384 -26.02 12.75 -1.54
CA THR A 384 -26.14 13.97 -0.75
C THR A 384 -27.57 14.15 -0.30
N ASP A 385 -27.82 15.24 0.43
CA ASP A 385 -29.16 15.64 0.83
C ASP A 385 -29.94 14.54 1.50
N MET A 386 -29.24 13.76 2.31
CA MET A 386 -29.82 12.60 2.95
C MET A 386 -31.02 12.99 3.78
N ALA A 387 -32.15 12.32 3.59
CA ALA A 387 -33.24 12.49 4.53
C ALA A 387 -32.79 11.92 5.91
N ARG A 388 -33.49 12.27 6.98
CA ARG A 388 -33.05 11.85 8.30
C ARG A 388 -34.14 11.11 9.05
N LEU A 389 -33.75 10.33 10.05
CA LEU A 389 -34.75 9.68 10.89
C LEU A 389 -35.75 10.72 11.35
N GLY A 390 -37.03 10.40 11.28
CA GLY A 390 -38.06 11.33 11.69
C GLY A 390 -38.58 12.23 10.58
N ASP A 391 -37.89 12.27 9.45
CA ASP A 391 -38.32 13.14 8.34
C ASP A 391 -39.62 12.67 7.71
N SER A 392 -40.48 13.62 7.39
CA SER A 392 -41.72 13.29 6.69
C SER A 392 -41.43 13.05 5.21
N ILE A 393 -41.87 11.92 4.67
CA ILE A 393 -41.55 11.59 3.27
C ILE A 393 -42.81 11.50 2.39
N ASP A 394 -42.67 11.96 1.14
CA ASP A 394 -43.69 11.86 0.10
C ASP A 394 -43.07 12.26 -1.26
N GLY A 395 -43.90 12.42 -2.28
CA GLY A 395 -43.40 12.73 -3.61
C GLY A 395 -42.59 14.00 -3.76
N GLN A 396 -42.78 14.95 -2.85
CA GLN A 396 -42.09 16.25 -2.94
C GLN A 396 -40.84 16.29 -2.08
N ARG A 397 -40.61 15.22 -1.30
CA ARG A 397 -39.51 15.16 -0.34
C ARG A 397 -38.68 13.88 -0.52
N PRO A 398 -37.59 13.97 -1.31
CA PRO A 398 -36.83 12.77 -1.68
C PRO A 398 -36.05 12.11 -0.52
N LEU A 399 -35.70 10.83 -0.69
CA LEU A 399 -34.86 10.11 0.29
C LEU A 399 -33.45 10.66 0.31
N ALA A 400 -32.86 10.80 -0.86
CA ALA A 400 -31.53 11.37 -0.97
C ALA A 400 -31.29 11.78 -2.39
N VAL A 401 -30.16 12.40 -2.67
CA VAL A 401 -29.80 12.64 -4.05
C VAL A 401 -28.62 11.73 -4.38
N ILE A 402 -28.77 10.85 -5.35
CA ILE A 402 -27.68 9.96 -5.69
C ILE A 402 -26.81 10.52 -6.80
N HIS A 403 -25.50 10.56 -6.56
CA HIS A 403 -24.53 10.97 -7.58
C HIS A 403 -23.87 9.74 -8.17
N ALA A 404 -24.22 9.42 -9.42
CA ALA A 404 -23.75 8.19 -10.07
C ALA A 404 -22.96 8.44 -11.37
N LYS A 405 -22.19 7.45 -11.81
CA LYS A 405 -21.38 7.61 -13.01
C LYS A 405 -22.18 7.28 -14.26
N ASP A 406 -23.30 6.59 -14.10
CA ASP A 406 -24.22 6.31 -15.20
C ASP A 406 -25.60 5.97 -14.69
N GLU A 407 -26.58 5.97 -15.58
CA GLU A 407 -27.95 5.68 -15.15
C GLU A 407 -28.11 4.25 -14.62
N ALA A 408 -27.27 3.33 -15.07
CA ALA A 408 -27.43 1.93 -14.63
C ALA A 408 -27.10 1.77 -13.16
N SER A 409 -25.98 2.34 -12.73
CA SER A 409 -25.61 2.29 -11.31
C SER A 409 -26.54 3.14 -10.45
N TRP A 410 -26.98 4.28 -10.99
CA TRP A 410 -27.95 5.11 -10.30
C TRP A 410 -29.20 4.31 -9.97
N GLN A 411 -29.67 3.60 -10.97
CA GLN A 411 -30.92 2.89 -10.89
C GLN A 411 -30.66 1.80 -9.84
N GLU A 412 -29.45 1.23 -9.89
CA GLU A 412 -29.06 0.23 -8.87
C GLU A 412 -28.95 0.81 -7.45
N ALA A 413 -28.31 1.95 -7.29
CA ALA A 413 -28.18 2.53 -5.96
C ALA A 413 -29.52 2.95 -5.39
N ALA A 414 -30.48 3.20 -6.25
CA ALA A 414 -31.76 3.73 -5.80
C ALA A 414 -32.64 2.65 -5.15
N LYS A 415 -32.52 1.42 -5.65
CA LYS A 415 -33.20 0.27 -5.04
C LYS A 415 -32.57 -0.04 -3.68
N ALA A 416 -31.24 0.05 -3.65
CA ALA A 416 -30.47 -0.08 -2.43
C ALA A 416 -30.89 0.94 -1.37
N VAL A 417 -31.11 2.19 -1.78
CA VAL A 417 -31.52 3.22 -0.83
C VAL A 417 -33.00 3.06 -0.43
N LYS A 418 -33.87 2.70 -1.37
CA LYS A 418 -35.27 2.47 -1.01
C LYS A 418 -35.37 1.33 -0.01
N ALA A 419 -34.64 0.26 -0.26
CA ALA A 419 -34.67 -0.93 0.57
C ALA A 419 -34.10 -0.67 1.98
N ALA A 420 -33.12 0.20 2.04
CA ALA A 420 -32.42 0.46 3.28
C ALA A 420 -33.21 1.36 4.24
N ILE A 421 -34.17 2.12 3.73
CA ILE A 421 -34.84 3.13 4.55
C ILE A 421 -36.28 2.76 4.85
N ILE A 422 -36.61 2.61 6.13
CA ILE A 422 -37.91 2.05 6.48
C ILE A 422 -38.85 3.11 6.97
N LEU A 423 -39.91 3.36 6.22
CA LEU A 423 -40.92 4.35 6.60
C LEU A 423 -42.02 3.77 7.48
N ASP A 424 -42.70 4.65 8.20
CA ASP A 424 -43.77 4.25 9.09
C ASP A 424 -44.89 5.31 9.14
N ASP A 425 -46.11 4.86 9.47
CA ASP A 425 -47.29 5.72 9.49
C ASP A 425 -47.20 6.85 10.52
N LYS A 426 -46.54 6.56 11.63
CA LYS A 426 -46.41 7.52 12.73
C LYS A 426 -44.94 7.86 12.95
N ALA A 427 -44.68 9.12 13.29
CA ALA A 427 -43.33 9.58 13.55
C ALA A 427 -42.64 8.74 14.60
N PRO A 428 -41.33 8.50 14.44
CA PRO A 428 -40.59 7.84 15.52
C PRO A 428 -40.23 8.83 16.60
N ALA A 429 -39.68 8.35 17.71
CA ALA A 429 -39.10 9.25 18.67
C ALA A 429 -37.69 9.61 18.22
N SER A 430 -37.19 10.73 18.72
CA SER A 430 -35.82 11.14 18.43
C SER A 430 -34.86 10.82 19.58
N THR A 431 -33.57 10.71 19.27
CA THR A 431 -32.56 10.37 20.27
C THR A 431 -31.46 11.42 20.19
N PRO A 432 -30.53 11.48 21.17
CA PRO A 432 -29.43 12.45 21.02
C PRO A 432 -28.41 12.03 19.95
N SER A 433 -27.57 12.94 19.48
CA SER A 433 -26.46 12.55 18.62
C SER A 433 -25.29 12.11 19.48
N VAL A 434 -25.11 12.79 20.61
CA VAL A 434 -24.02 12.51 21.52
C VAL A 434 -24.59 11.91 22.80
N TYR A 435 -24.02 10.81 23.29
CA TYR A 435 -24.52 10.18 24.51
C TYR A 435 -23.54 10.45 25.63
N ARG A 436 -23.01 9.42 26.29
CA ARG A 436 -22.24 9.61 27.54
C ARG A 436 -20.79 10.00 27.33
N ARG A 437 -20.29 10.95 28.11
CA ARG A 437 -18.87 11.27 28.15
C ARG A 437 -18.13 10.37 29.14
N ILE A 438 -16.98 9.82 28.79
CA ILE A 438 -16.35 8.91 29.71
C ILE A 438 -14.96 9.33 30.11
N THR A 439 -14.75 9.57 31.40
CA THR A 439 -13.48 10.13 31.88
C THR A 439 -12.68 9.16 32.69
N GLU A 440 -13.38 8.18 33.26
CA GLU A 440 -12.80 7.16 34.15
C GLU A 440 -11.61 7.66 34.99
N MET B 1 -6.75 16.88 -36.00
CA MET B 1 -5.39 16.57 -35.56
C MET B 1 -5.18 16.83 -34.06
N PHE B 2 -5.10 18.10 -33.67
CA PHE B 2 -4.98 18.49 -32.27
C PHE B 2 -6.39 18.65 -31.64
N LEU B 3 -7.16 17.58 -31.75
CA LEU B 3 -8.39 17.35 -30.98
C LEU B 3 -8.04 16.69 -29.64
N ALA B 4 -6.77 16.30 -29.51
CA ALA B 4 -6.19 15.84 -28.27
C ALA B 4 -6.33 16.90 -27.18
N GLN B 5 -6.21 18.17 -27.58
CA GLN B 5 -6.34 19.29 -26.65
C GLN B 5 -7.70 19.23 -25.97
N GLU B 6 -8.67 18.75 -26.73
CA GLU B 6 -9.99 18.55 -26.20
C GLU B 6 -9.95 17.51 -25.10
N ILE B 7 -9.36 16.36 -25.41
CA ILE B 7 -9.19 15.29 -24.42
C ILE B 7 -8.36 15.77 -23.22
N ILE B 8 -7.40 16.66 -23.45
CA ILE B 8 -6.64 17.21 -22.34
C ILE B 8 -7.52 18.09 -21.44
N ARG B 9 -8.31 18.96 -22.07
CA ARG B 9 -9.18 19.89 -21.36
C ARG B 9 -10.11 19.09 -20.49
N LYS B 10 -10.71 18.04 -21.05
CA LYS B 10 -11.66 17.20 -20.33
C LYS B 10 -11.05 16.60 -19.05
N LYS B 11 -9.76 16.27 -19.09
CA LYS B 11 -9.13 15.67 -17.93
C LYS B 11 -8.55 16.75 -17.04
N ARG B 12 -8.19 17.89 -17.63
CA ARG B 12 -7.77 19.01 -16.81
C ARG B 12 -8.90 19.46 -15.88
N ASP B 13 -10.14 19.22 -16.28
CA ASP B 13 -11.29 19.73 -15.53
C ASP B 13 -11.90 18.68 -14.62
N GLY B 14 -11.26 17.51 -14.54
CA GLY B 14 -11.62 16.47 -13.59
C GLY B 14 -12.66 15.47 -14.07
N HIS B 15 -12.93 15.41 -15.37
CA HIS B 15 -13.86 14.39 -15.87
C HIS B 15 -13.13 13.15 -16.39
N ALA B 16 -13.73 11.97 -16.22
CA ALA B 16 -13.18 10.73 -16.75
C ALA B 16 -13.17 10.70 -18.28
N LEU B 17 -12.10 10.17 -18.87
CA LEU B 17 -12.09 9.96 -20.31
C LEU B 17 -12.71 8.59 -20.65
N SER B 18 -13.03 8.38 -21.91
CA SER B 18 -13.64 7.12 -22.35
C SER B 18 -12.68 6.30 -23.20
N ASP B 19 -13.06 5.05 -23.47
CA ASP B 19 -12.14 4.16 -24.16
C ASP B 19 -11.73 4.77 -25.49
N GLU B 20 -12.69 5.31 -26.25
CA GLU B 20 -12.41 5.87 -27.58
C GLU B 20 -11.50 7.07 -27.48
N GLU B 21 -11.65 7.84 -26.41
CA GLU B 21 -10.80 9.01 -26.21
C GLU B 21 -9.37 8.59 -25.90
N ILE B 22 -9.24 7.74 -24.89
CA ILE B 22 -7.96 7.15 -24.55
C ILE B 22 -7.31 6.43 -25.73
N ARG B 23 -8.11 5.65 -26.46
CA ARG B 23 -7.60 4.89 -27.60
C ARG B 23 -7.08 5.82 -28.66
N PHE B 24 -7.89 6.83 -28.96
CA PHE B 24 -7.52 7.87 -29.90
C PHE B 24 -6.17 8.48 -29.52
N PHE B 25 -6.07 8.90 -28.25
CA PHE B 25 -4.91 9.66 -27.79
C PHE B 25 -3.66 8.79 -27.87
N ILE B 26 -3.79 7.52 -27.44
CA ILE B 26 -2.66 6.59 -27.50
C ILE B 26 -2.20 6.36 -28.94
N ASN B 27 -3.15 6.08 -29.83
CA ASN B 27 -2.82 5.80 -31.21
C ASN B 27 -2.12 7.00 -31.83
N GLY B 28 -2.42 8.19 -31.33
CA GLY B 28 -1.74 9.38 -31.79
C GLY B 28 -0.34 9.54 -31.22
N ILE B 29 -0.12 8.93 -30.05
CA ILE B 29 1.21 8.92 -29.50
C ILE B 29 2.09 8.07 -30.38
N ARG B 30 1.57 6.89 -30.71
CA ARG B 30 2.29 5.94 -31.56
C ARG B 30 2.60 6.54 -32.93
N ASP B 31 1.60 7.15 -33.57
CA ASP B 31 1.73 7.69 -34.93
C ASP B 31 2.48 9.02 -35.10
N ASN B 32 2.92 9.64 -33.99
CA ASN B 32 3.42 11.01 -34.00
C ASN B 32 2.44 12.11 -34.46
N THR B 33 1.15 11.81 -34.48
CA THR B 33 0.15 12.82 -34.85
C THR B 33 -0.13 13.73 -33.65
N ILE B 34 0.38 13.35 -32.49
CA ILE B 34 0.17 14.10 -31.25
C ILE B 34 1.49 14.62 -30.67
N SER B 35 1.51 15.91 -30.34
CA SER B 35 2.72 16.62 -29.94
C SER B 35 3.30 16.17 -28.58
N GLU B 36 4.57 16.48 -28.35
CA GLU B 36 5.21 16.14 -27.07
C GLU B 36 4.48 16.84 -25.92
N GLY B 37 4.35 18.17 -26.00
CA GLY B 37 3.67 18.93 -24.97
C GLY B 37 2.24 18.48 -24.72
N GLN B 38 1.62 17.86 -25.73
CA GLN B 38 0.27 17.32 -25.56
C GLN B 38 0.27 16.05 -24.71
N ILE B 39 1.37 15.28 -24.80
CA ILE B 39 1.58 14.10 -23.98
C ILE B 39 1.93 14.54 -22.56
N ALA B 40 2.87 15.48 -22.44
CA ALA B 40 3.21 16.08 -21.15
C ALA B 40 1.97 16.63 -20.44
N ALA B 41 1.14 17.40 -21.15
CA ALA B 41 -0.02 18.02 -20.53
C ALA B 41 -1.03 16.98 -20.11
N LEU B 42 -1.30 15.99 -20.96
CA LEU B 42 -2.23 14.94 -20.56
C LEU B 42 -1.68 14.20 -19.33
N ALA B 43 -0.39 13.93 -19.38
CA ALA B 43 0.28 13.22 -18.31
C ALA B 43 0.11 13.93 -16.96
N MET B 44 0.34 15.25 -16.96
CA MET B 44 0.29 16.07 -15.75
C MET B 44 -1.13 16.27 -15.21
N THR B 45 -2.16 16.22 -16.07
CA THR B 45 -3.52 16.28 -15.57
C THR B 45 -3.84 14.97 -14.88
N ILE B 46 -3.32 13.85 -15.42
CA ILE B 46 -3.53 12.55 -14.76
C ILE B 46 -2.79 12.49 -13.43
N PHE B 47 -1.63 13.10 -13.35
CA PHE B 47 -0.97 13.13 -12.06
C PHE B 47 -1.85 13.87 -11.05
N PHE B 48 -2.48 14.97 -11.47
CA PHE B 48 -3.28 15.74 -10.52
C PHE B 48 -4.63 15.07 -10.26
N HIS B 49 -5.28 14.56 -11.29
CA HIS B 49 -6.63 14.02 -11.12
C HIS B 49 -6.77 12.50 -11.04
N ASP B 50 -5.72 11.75 -11.37
CA ASP B 50 -5.75 10.29 -11.29
C ASP B 50 -6.73 9.70 -12.32
N MET B 51 -6.97 8.40 -12.23
CA MET B 51 -7.88 7.76 -13.15
C MET B 51 -8.66 6.66 -12.44
N THR B 52 -9.78 6.31 -13.05
CA THR B 52 -10.69 5.30 -12.52
C THR B 52 -10.36 3.97 -13.16
N MET B 53 -10.88 2.88 -12.60
CA MET B 53 -10.59 1.54 -13.11
C MET B 53 -10.90 1.40 -14.60
N PRO B 54 -12.07 1.86 -15.07
CA PRO B 54 -12.28 1.72 -16.53
C PRO B 54 -11.29 2.56 -17.36
N GLU B 55 -10.87 3.71 -16.85
CA GLU B 55 -9.83 4.47 -17.54
C GLU B 55 -8.51 3.70 -17.55
N ARG B 56 -8.08 3.24 -16.37
CA ARG B 56 -6.83 2.51 -16.23
C ARG B 56 -6.78 1.27 -17.15
N VAL B 57 -7.83 0.45 -17.12
CA VAL B 57 -7.91 -0.69 -18.00
C VAL B 57 -7.84 -0.26 -19.47
N SER B 58 -8.52 0.83 -19.79
CA SER B 58 -8.58 1.30 -21.15
C SER B 58 -7.21 1.78 -21.62
N LEU B 59 -6.50 2.46 -20.72
CA LEU B 59 -5.17 3.00 -21.03
C LEU B 59 -4.12 1.91 -21.25
N THR B 60 -4.27 0.80 -20.55
CA THR B 60 -3.32 -0.31 -20.61
C THR B 60 -3.56 -1.14 -21.86
N MET B 61 -4.83 -1.52 -22.04
CA MET B 61 -5.24 -2.24 -23.22
C MET B 61 -4.91 -1.46 -24.49
N ALA B 62 -4.93 -0.13 -24.39
CA ALA B 62 -4.71 0.72 -25.55
C ALA B 62 -3.24 0.83 -25.88
N MET B 63 -2.40 0.90 -24.85
CA MET B 63 -0.97 0.91 -25.05
C MET B 63 -0.49 -0.47 -25.46
N ARG B 64 -1.09 -1.50 -24.85
CA ARG B 64 -0.78 -2.90 -25.18
C ARG B 64 -1.09 -3.25 -26.61
N ASP B 65 -2.22 -2.75 -27.11
CA ASP B 65 -2.64 -3.00 -28.47
C ASP B 65 -1.96 -2.05 -29.47
N SER B 66 -1.12 -1.15 -28.98
CA SER B 66 -0.47 -0.18 -29.85
C SER B 66 0.67 -0.78 -30.65
N GLY B 67 1.06 -2.00 -30.28
CA GLY B 67 2.12 -2.71 -30.95
C GLY B 67 1.72 -4.15 -31.12
N THR B 68 2.68 -5.06 -31.07
CA THR B 68 2.34 -6.48 -31.26
C THR B 68 1.76 -7.09 -29.99
N VAL B 69 0.84 -8.03 -30.16
CA VAL B 69 0.42 -8.86 -29.04
C VAL B 69 0.54 -10.34 -29.46
N LEU B 70 1.32 -11.10 -28.69
CA LEU B 70 1.64 -12.49 -29.04
C LEU B 70 0.44 -13.44 -28.96
N ASP B 71 0.28 -14.29 -29.96
CA ASP B 71 -0.83 -15.25 -30.00
C ASP B 71 -0.33 -16.68 -29.84
N TRP B 72 -0.88 -17.41 -28.86
CA TRP B 72 -0.39 -18.76 -28.53
C TRP B 72 -1.34 -19.92 -28.87
N LYS B 73 -2.64 -19.66 -29.03
CA LYS B 73 -3.60 -20.75 -29.29
C LYS B 73 -3.19 -21.55 -30.54
N SER B 74 -2.48 -20.88 -31.44
CA SER B 74 -1.91 -21.51 -32.62
C SER B 74 -1.07 -22.77 -32.34
N LEU B 75 -0.31 -22.79 -31.25
CA LEU B 75 0.65 -23.88 -30.97
C LEU B 75 0.11 -24.95 -30.02
N ASN B 76 -1.10 -24.76 -29.52
CA ASN B 76 -1.77 -25.71 -28.65
C ASN B 76 -0.85 -26.24 -27.55
N LEU B 77 -0.23 -25.32 -26.80
CA LEU B 77 0.52 -25.70 -25.61
C LEU B 77 -0.45 -26.28 -24.58
N ASN B 78 -0.06 -27.34 -23.88
CA ASN B 78 -0.97 -27.94 -22.92
C ASN B 78 -1.01 -27.18 -21.59
N GLY B 79 -0.31 -26.06 -21.51
CA GLY B 79 -0.25 -25.30 -20.27
C GLY B 79 -0.47 -23.79 -20.40
N PRO B 80 -0.51 -23.08 -19.26
CA PRO B 80 -0.77 -21.63 -19.20
C PRO B 80 0.41 -20.77 -19.66
N ILE B 81 0.11 -19.66 -20.34
CA ILE B 81 1.15 -18.69 -20.64
C ILE B 81 1.23 -17.76 -19.42
N VAL B 82 2.35 -17.76 -18.69
CA VAL B 82 2.50 -16.98 -17.45
C VAL B 82 3.87 -16.30 -17.32
N ASP B 83 3.90 -15.13 -16.68
CA ASP B 83 5.15 -14.42 -16.54
C ASP B 83 5.21 -13.68 -15.20
N LYS B 84 6.33 -13.03 -14.93
CA LYS B 84 6.51 -12.28 -13.69
C LYS B 84 7.20 -10.97 -14.00
N HIS B 85 6.86 -9.92 -13.23
CA HIS B 85 7.56 -8.65 -13.40
C HIS B 85 7.85 -8.06 -12.03
N SER B 86 8.93 -7.29 -12.01
CA SER B 86 9.48 -6.85 -10.76
C SER B 86 9.80 -5.39 -10.91
N THR B 87 9.53 -4.57 -9.90
CA THR B 87 9.91 -3.17 -9.99
C THR B 87 11.42 -2.99 -9.86
N GLY B 88 12.17 -4.09 -9.74
CA GLY B 88 13.62 -4.04 -9.78
C GLY B 88 14.26 -3.93 -8.41
N GLY B 89 15.50 -4.35 -8.28
CA GLY B 89 16.22 -4.21 -7.03
C GLY B 89 17.72 -4.39 -7.23
N VAL B 90 18.41 -4.63 -6.14
CA VAL B 90 19.81 -4.96 -6.20
C VAL B 90 19.90 -6.43 -5.79
N GLY B 91 20.44 -7.26 -6.65
CA GLY B 91 20.55 -8.68 -6.34
C GLY B 91 19.25 -9.36 -6.65
N ASP B 92 18.42 -8.68 -7.42
CA ASP B 92 17.11 -9.22 -7.71
C ASP B 92 17.23 -10.26 -8.83
N VAL B 93 17.82 -11.42 -8.52
CA VAL B 93 18.12 -12.41 -9.56
C VAL B 93 16.91 -13.35 -9.81
N THR B 94 15.88 -13.26 -8.97
CA THR B 94 14.78 -14.25 -8.95
C THR B 94 14.33 -14.83 -10.32
N SER B 95 14.29 -14.04 -11.39
CA SER B 95 13.79 -14.55 -12.66
C SER B 95 14.55 -15.75 -13.25
N LEU B 96 15.89 -15.72 -13.11
CA LEU B 96 16.76 -16.74 -13.65
C LEU B 96 16.41 -18.13 -13.11
N MET B 97 16.00 -18.18 -11.84
CA MET B 97 15.42 -19.41 -11.31
C MET B 97 13.97 -19.60 -11.73
N LEU B 98 13.17 -18.57 -11.47
CA LEU B 98 11.73 -18.67 -11.46
C LEU B 98 11.15 -19.16 -12.77
N GLY B 99 11.72 -18.69 -13.87
CA GLY B 99 11.28 -19.10 -15.19
C GLY B 99 11.38 -20.61 -15.35
N PRO B 100 12.63 -21.15 -15.29
CA PRO B 100 12.88 -22.59 -15.33
C PRO B 100 11.99 -23.34 -14.36
N MET B 101 11.87 -22.92 -13.11
CA MET B 101 11.07 -23.67 -12.14
C MET B 101 9.65 -23.80 -12.64
N VAL B 102 9.06 -22.70 -13.08
CA VAL B 102 7.66 -22.75 -13.46
C VAL B 102 7.49 -23.62 -14.70
N ALA B 103 8.33 -23.40 -15.72
CA ALA B 103 8.40 -24.26 -16.90
C ALA B 103 8.48 -25.73 -16.49
N ALA B 104 9.32 -26.01 -15.49
CA ALA B 104 9.47 -27.37 -14.99
C ALA B 104 8.16 -27.92 -14.44
N CYS B 105 7.26 -27.07 -13.96
CA CYS B 105 6.00 -27.58 -13.41
C CYS B 105 4.82 -27.37 -14.37
N GLY B 106 5.08 -27.11 -15.64
CA GLY B 106 4.01 -27.01 -16.60
C GLY B 106 3.77 -25.66 -17.29
N GLY B 107 4.32 -24.57 -16.72
CA GLY B 107 4.07 -23.26 -17.29
C GLY B 107 4.84 -23.03 -18.58
N TYR B 108 4.34 -22.14 -19.42
CA TYR B 108 5.10 -21.67 -20.58
C TYR B 108 5.37 -20.20 -20.39
N VAL B 109 6.64 -19.84 -20.25
CA VAL B 109 6.99 -18.54 -19.70
C VAL B 109 7.74 -17.66 -20.67
N PRO B 110 7.04 -16.79 -21.39
CA PRO B 110 7.71 -15.93 -22.37
C PRO B 110 8.19 -14.62 -21.77
N MET B 111 9.37 -14.64 -21.18
CA MET B 111 9.83 -13.49 -20.41
C MET B 111 10.58 -12.45 -21.22
N ILE B 112 9.88 -11.40 -21.62
CA ILE B 112 10.53 -10.24 -22.22
C ILE B 112 10.99 -9.29 -21.12
N SER B 113 12.29 -9.05 -21.02
CA SER B 113 12.85 -8.30 -19.90
C SER B 113 13.45 -7.02 -20.40
N GLY B 114 14.28 -6.42 -19.56
CA GLY B 114 14.95 -5.19 -19.89
C GLY B 114 16.32 -5.13 -19.24
N ARG B 115 17.06 -4.08 -19.56
CA ARG B 115 18.39 -3.88 -19.03
C ARG B 115 18.33 -3.13 -17.70
N GLY B 116 19.44 -3.09 -16.98
CA GLY B 116 19.57 -2.25 -15.80
C GLY B 116 19.15 -0.80 -16.01
N LEU B 117 18.22 -0.34 -15.18
CA LEU B 117 17.74 1.05 -15.21
C LEU B 117 18.19 1.79 -13.94
N GLY B 118 19.06 2.77 -14.11
CA GLY B 118 19.54 3.56 -12.99
C GLY B 118 20.41 2.74 -12.06
N HIS B 119 19.96 2.57 -10.82
CA HIS B 119 20.69 1.84 -9.79
C HIS B 119 20.38 0.33 -9.71
N THR B 120 19.38 -0.13 -10.45
CA THR B 120 19.01 -1.55 -10.41
C THR B 120 19.60 -2.35 -11.57
N GLY B 121 20.04 -3.57 -11.27
CA GLY B 121 20.55 -4.45 -12.31
C GLY B 121 19.39 -5.00 -13.12
N GLY B 122 19.56 -5.11 -14.43
CA GLY B 122 18.52 -5.66 -15.28
C GLY B 122 18.84 -7.07 -15.71
N THR B 123 17.83 -7.87 -15.97
CA THR B 123 18.04 -9.28 -16.27
C THR B 123 18.82 -9.48 -17.58
N LEU B 124 18.47 -8.76 -18.64
CA LEU B 124 19.19 -8.99 -19.89
C LEU B 124 20.70 -8.79 -19.74
N ASP B 125 21.11 -7.85 -18.89
CA ASP B 125 22.54 -7.65 -18.70
C ASP B 125 23.16 -8.83 -17.99
N LYS B 126 22.38 -9.52 -17.17
CA LYS B 126 22.89 -10.70 -16.47
C LYS B 126 23.04 -11.88 -17.41
N LEU B 127 22.04 -12.12 -18.24
CA LEU B 127 22.09 -13.26 -19.13
C LEU B 127 23.17 -13.05 -20.16
N GLU B 128 23.48 -11.81 -20.47
CA GLU B 128 24.48 -11.55 -21.48
C GLU B 128 25.89 -11.62 -20.89
N ALA B 129 26.00 -12.12 -19.66
CA ALA B 129 27.32 -12.41 -19.09
C ALA B 129 27.71 -13.81 -19.49
N ILE B 130 26.72 -14.54 -19.99
CA ILE B 130 26.88 -15.88 -20.54
C ILE B 130 27.24 -15.74 -22.00
N PRO B 131 28.41 -16.27 -22.40
CA PRO B 131 28.95 -16.10 -23.76
C PRO B 131 28.00 -16.62 -24.84
N GLY B 132 27.91 -15.86 -25.92
CA GLY B 132 27.04 -16.23 -27.02
C GLY B 132 25.56 -16.27 -26.70
N PHE B 133 25.16 -15.99 -25.45
CA PHE B 133 23.74 -15.98 -25.08
C PHE B 133 23.00 -14.93 -25.89
N ASP B 134 21.97 -15.35 -26.61
CA ASP B 134 21.30 -14.43 -27.53
C ASP B 134 19.88 -14.02 -27.11
N ILE B 135 19.77 -12.78 -26.61
CA ILE B 135 18.51 -12.25 -26.14
C ILE B 135 17.58 -11.80 -27.25
N PHE B 136 18.02 -11.85 -28.51
CA PHE B 136 17.13 -11.44 -29.61
C PHE B 136 16.87 -12.53 -30.66
N PRO B 137 16.15 -13.59 -30.28
CA PRO B 137 15.81 -14.56 -31.33
C PRO B 137 14.68 -14.09 -32.24
N ASP B 138 14.56 -14.64 -33.44
CA ASP B 138 13.43 -14.36 -34.32
C ASP B 138 12.20 -15.19 -33.93
N ASP B 139 11.05 -14.81 -34.45
CA ASP B 139 9.77 -15.47 -34.13
C ASP B 139 9.88 -17.00 -34.09
N ASN B 140 10.50 -17.57 -35.13
CA ASN B 140 10.61 -19.01 -35.25
C ASN B 140 11.42 -19.62 -34.11
N ARG B 141 12.64 -19.12 -33.96
CA ARG B 141 13.53 -19.55 -32.89
C ARG B 141 12.81 -19.36 -31.56
N PHE B 142 12.17 -18.21 -31.37
CA PHE B 142 11.47 -17.90 -30.11
C PHE B 142 10.29 -18.84 -29.78
N ARG B 143 9.35 -19.01 -30.71
CA ARG B 143 8.18 -19.84 -30.41
C ARG B 143 8.59 -21.28 -30.13
N GLU B 144 9.63 -21.74 -30.82
CA GLU B 144 10.09 -23.13 -30.72
C GLU B 144 10.66 -23.41 -29.32
N ILE B 145 11.48 -22.47 -28.84
CA ILE B 145 12.03 -22.54 -27.47
C ILE B 145 10.93 -22.61 -26.42
N ILE B 146 9.89 -21.78 -26.58
CA ILE B 146 8.78 -21.80 -25.64
C ILE B 146 8.05 -23.12 -25.81
N GLN B 147 7.96 -23.61 -27.04
CA GLN B 147 7.26 -24.87 -27.22
C GLN B 147 8.10 -26.01 -26.66
N ASP B 148 9.40 -25.98 -26.92
CA ASP B 148 10.24 -27.10 -26.48
C ASP B 148 10.70 -26.97 -25.03
N VAL B 149 11.63 -26.03 -24.77
CA VAL B 149 12.12 -25.76 -23.41
C VAL B 149 11.01 -25.31 -22.43
N GLY B 150 10.18 -24.35 -22.88
CA GLY B 150 9.08 -23.85 -22.07
C GLY B 150 9.32 -22.47 -21.45
N VAL B 151 10.53 -21.95 -21.63
CA VAL B 151 10.87 -20.63 -21.09
C VAL B 151 12.00 -20.02 -21.93
N ALA B 152 11.96 -18.71 -22.11
CA ALA B 152 12.98 -18.01 -22.86
C ALA B 152 12.97 -16.59 -22.31
N ILE B 153 14.12 -15.92 -22.30
CA ILE B 153 14.22 -14.61 -21.69
C ILE B 153 14.91 -13.69 -22.65
N ILE B 154 14.11 -12.90 -23.36
CA ILE B 154 14.57 -12.13 -24.52
C ILE B 154 14.49 -10.62 -24.28
N GLY B 155 15.10 -9.83 -25.16
CA GLY B 155 15.07 -8.38 -25.05
C GLY B 155 13.78 -7.80 -25.56
N GLN B 156 13.50 -6.53 -25.25
CA GLN B 156 12.34 -5.82 -25.79
C GLN B 156 12.58 -5.41 -27.23
N THR B 157 11.79 -5.98 -28.13
CA THR B 157 11.82 -5.61 -29.53
C THR B 157 11.03 -4.28 -29.69
N SER B 158 11.33 -3.53 -30.74
CA SER B 158 10.71 -2.21 -30.96
C SER B 158 9.19 -2.26 -31.19
N SER B 159 8.65 -3.45 -31.45
CA SER B 159 7.25 -3.64 -31.80
C SER B 159 6.35 -3.81 -30.58
N LEU B 160 6.97 -3.70 -29.40
CA LEU B 160 6.31 -3.93 -28.12
C LEU B 160 5.85 -2.65 -27.42
N ALA B 161 4.53 -2.47 -27.36
CA ALA B 161 3.86 -1.27 -26.86
C ALA B 161 4.65 0.02 -27.17
N PRO B 162 4.83 0.33 -28.46
CA PRO B 162 5.67 1.47 -28.85
C PRO B 162 5.08 2.81 -28.44
N ALA B 163 3.76 2.85 -28.20
CA ALA B 163 3.10 4.05 -27.69
C ALA B 163 3.74 4.45 -26.37
N ASP B 164 4.18 3.44 -25.64
CA ASP B 164 4.75 3.65 -24.33
C ASP B 164 6.13 4.26 -24.38
N LYS B 165 6.86 3.97 -25.45
CA LYS B 165 8.22 4.48 -25.67
C LYS B 165 8.27 6.00 -25.53
N ARG B 166 7.40 6.68 -26.27
CA ARG B 166 7.33 8.13 -26.28
C ARG B 166 6.66 8.65 -25.03
N PHE B 167 5.63 7.92 -24.61
CA PHE B 167 4.87 8.30 -23.43
C PHE B 167 5.81 8.40 -22.23
N TYR B 168 6.52 7.31 -21.95
CA TYR B 168 7.47 7.26 -20.85
C TYR B 168 8.62 8.26 -21.07
N ALA B 169 9.07 8.40 -22.31
CA ALA B 169 10.18 9.29 -22.60
C ALA B 169 9.84 10.69 -22.21
N THR B 170 8.58 11.07 -22.41
CA THR B 170 8.11 12.41 -22.07
C THR B 170 7.86 12.56 -20.56
N ARG B 171 7.23 11.55 -19.97
CA ARG B 171 7.08 11.45 -18.52
C ARG B 171 8.39 11.71 -17.78
N ASP B 172 9.46 11.14 -18.31
CA ASP B 172 10.75 11.13 -17.61
C ASP B 172 11.52 12.46 -17.69
N ILE B 173 11.01 13.41 -18.46
CA ILE B 173 11.64 14.74 -18.48
C ILE B 173 10.69 15.83 -17.96
N THR B 174 9.43 15.43 -17.69
CA THR B 174 8.38 16.35 -17.26
C THR B 174 7.89 16.14 -15.81
N ALA B 175 8.63 15.36 -15.03
CA ALA B 175 8.22 15.04 -13.68
C ALA B 175 6.79 14.48 -13.69
N THR B 176 6.57 13.46 -14.50
CA THR B 176 5.27 12.82 -14.58
C THR B 176 5.48 11.31 -14.59
N VAL B 177 6.51 10.85 -13.90
CA VAL B 177 6.77 9.43 -13.82
C VAL B 177 6.00 8.88 -12.63
N ASP B 178 6.04 9.69 -11.57
CA ASP B 178 5.47 9.38 -10.28
C ASP B 178 3.95 9.47 -10.23
N SER B 179 3.27 8.63 -11.01
CA SER B 179 1.82 8.61 -11.07
C SER B 179 1.36 7.16 -11.19
N ILE B 180 0.79 6.62 -10.12
CA ILE B 180 0.47 5.20 -10.11
C ILE B 180 -0.32 4.71 -11.34
N PRO B 181 -1.41 5.41 -11.72
CA PRO B 181 -2.04 4.82 -12.90
C PRO B 181 -1.15 4.88 -14.18
N LEU B 182 -0.30 5.92 -14.35
CA LEU B 182 0.63 5.97 -15.50
C LEU B 182 1.73 4.89 -15.39
N ILE B 183 2.27 4.70 -14.19
CA ILE B 183 3.23 3.63 -14.00
C ILE B 183 2.56 2.30 -14.33
N THR B 184 1.37 2.07 -13.77
CA THR B 184 0.63 0.83 -13.98
C THR B 184 0.40 0.54 -15.46
N GLY B 185 0.24 1.61 -16.24
CA GLY B 185 -0.11 1.47 -17.64
C GLY B 185 1.09 1.04 -18.44
N SER B 186 2.25 1.61 -18.17
CA SER B 186 3.43 1.28 -18.94
C SER B 186 3.93 -0.12 -18.59
N ILE B 187 3.88 -0.45 -17.30
CA ILE B 187 4.33 -1.75 -16.84
C ILE B 187 3.51 -2.83 -17.47
N LEU B 188 2.20 -2.70 -17.34
CA LEU B 188 1.30 -3.73 -17.80
C LEU B 188 1.14 -3.72 -19.33
N ALA B 189 1.36 -2.60 -19.99
CA ALA B 189 1.26 -2.62 -21.45
C ALA B 189 2.21 -3.67 -22.01
N LYS B 190 3.47 -3.58 -21.61
CA LYS B 190 4.49 -4.54 -22.01
C LYS B 190 4.13 -5.95 -21.63
N LYS B 191 4.05 -6.22 -20.33
CA LYS B 191 3.83 -7.58 -19.86
C LYS B 191 2.60 -8.25 -20.46
N LEU B 192 1.61 -7.48 -20.87
CA LEU B 192 0.41 -8.06 -21.41
C LEU B 192 0.46 -8.28 -22.90
N ALA B 193 1.41 -7.64 -23.53
CA ALA B 193 1.64 -7.84 -24.94
C ALA B 193 2.03 -9.28 -25.15
N GLU B 194 2.59 -9.87 -24.13
CA GLU B 194 3.09 -11.22 -24.19
C GLU B 194 1.98 -12.22 -24.45
N GLY B 195 0.73 -11.83 -24.24
CA GLY B 195 -0.37 -12.76 -24.45
C GLY B 195 -0.72 -13.66 -23.31
N LEU B 196 -0.50 -13.19 -22.10
CA LEU B 196 -0.54 -14.00 -20.90
C LEU B 196 -1.90 -14.58 -20.55
N ASP B 197 -1.88 -15.66 -19.79
CA ASP B 197 -3.06 -16.16 -19.11
C ASP B 197 -3.01 -15.73 -17.64
N ALA B 198 -1.79 -15.56 -17.11
CA ALA B 198 -1.60 -15.22 -15.70
C ALA B 198 -0.34 -14.41 -15.48
N LEU B 199 -0.26 -13.70 -14.36
CA LEU B 199 0.89 -12.86 -14.06
C LEU B 199 1.09 -12.68 -12.56
N VAL B 200 2.33 -12.46 -12.15
CA VAL B 200 2.57 -12.10 -10.77
C VAL B 200 3.54 -10.92 -10.78
N MET B 201 3.33 -10.02 -9.83
CA MET B 201 4.08 -8.79 -9.77
C MET B 201 4.81 -8.79 -8.45
N ASP B 202 6.10 -8.50 -8.53
CA ASP B 202 6.90 -8.44 -7.35
C ASP B 202 7.20 -6.98 -7.17
N VAL B 203 6.60 -6.39 -6.14
CA VAL B 203 6.78 -4.98 -5.87
C VAL B 203 7.70 -4.78 -4.69
N LYS B 204 8.89 -4.24 -4.92
CA LYS B 204 9.90 -4.12 -3.88
C LYS B 204 9.56 -3.05 -2.82
N VAL B 205 10.05 -3.25 -1.61
CA VAL B 205 9.80 -2.35 -0.50
C VAL B 205 11.12 -2.00 0.19
N GLY B 206 11.41 -0.72 0.34
CA GLY B 206 12.50 -0.33 1.21
C GLY B 206 13.47 0.60 0.56
N SER B 207 14.66 0.71 1.14
CA SER B 207 15.68 1.67 0.71
C SER B 207 16.08 1.54 -0.76
N GLY B 208 16.05 0.32 -1.30
CA GLY B 208 16.52 0.08 -2.67
C GLY B 208 15.38 -0.13 -3.65
N ALA B 209 14.22 0.41 -3.28
CA ALA B 209 12.99 0.21 -4.05
C ALA B 209 12.61 1.44 -4.85
N PHE B 210 11.81 1.18 -5.88
CA PHE B 210 11.23 2.22 -6.71
C PHE B 210 10.41 3.19 -5.85
N MET B 211 9.39 2.66 -5.20
CA MET B 211 8.54 3.47 -4.32
C MET B 211 9.15 3.57 -2.93
N PRO B 212 9.22 4.80 -2.40
CA PRO B 212 9.96 5.11 -1.18
C PRO B 212 9.36 4.54 0.12
N THR B 213 8.03 4.52 0.22
CA THR B 213 7.38 4.00 1.42
C THR B 213 6.60 2.71 1.16
N TYR B 214 6.41 1.93 2.21
CA TYR B 214 5.64 0.70 2.09
C TYR B 214 4.27 0.93 1.44
N GLU B 215 3.52 1.91 1.93
CA GLU B 215 2.15 2.14 1.49
C GLU B 215 2.05 2.57 0.02
N LEU B 216 3.08 3.27 -0.46
CA LEU B 216 3.15 3.59 -1.88
C LEU B 216 3.42 2.34 -2.69
N SER B 217 4.25 1.44 -2.16
CA SER B 217 4.50 0.18 -2.85
C SER B 217 3.22 -0.64 -2.88
N GLU B 218 2.52 -0.63 -1.75
CA GLU B 218 1.24 -1.30 -1.65
C GLU B 218 0.26 -0.74 -2.68
N ALA B 219 0.25 0.58 -2.80
CA ALA B 219 -0.67 1.28 -3.67
C ALA B 219 -0.49 0.84 -5.13
N LEU B 220 0.77 0.82 -5.57
CA LEU B 220 1.10 0.43 -6.93
C LEU B 220 0.71 -1.02 -7.19
N ALA B 221 1.05 -1.88 -6.22
CA ALA B 221 0.72 -3.33 -6.26
C ALA B 221 -0.77 -3.58 -6.39
N GLU B 222 -1.57 -2.95 -5.52
CA GLU B 222 -3.03 -3.00 -5.59
C GLU B 222 -3.52 -2.52 -6.94
N ALA B 223 -2.94 -1.43 -7.42
CA ALA B 223 -3.37 -0.90 -8.70
C ALA B 223 -3.09 -1.89 -9.81
N ILE B 224 -1.90 -2.52 -9.79
CA ILE B 224 -1.55 -3.43 -10.87
C ILE B 224 -2.45 -4.66 -10.82
N VAL B 225 -2.67 -5.22 -9.63
CA VAL B 225 -3.55 -6.40 -9.50
C VAL B 225 -4.91 -6.10 -10.12
N GLY B 226 -5.51 -4.98 -9.69
CA GLY B 226 -6.78 -4.51 -10.20
C GLY B 226 -6.84 -4.39 -11.70
N VAL B 227 -5.88 -3.69 -12.29
CA VAL B 227 -5.88 -3.43 -13.73
C VAL B 227 -5.62 -4.69 -14.55
N ALA B 228 -4.58 -5.44 -14.18
CA ALA B 228 -4.26 -6.66 -14.88
C ALA B 228 -5.46 -7.62 -14.86
N ASN B 229 -6.01 -7.89 -13.69
CA ASN B 229 -7.21 -8.71 -13.63
C ASN B 229 -8.32 -8.08 -14.46
N GLY B 230 -8.53 -6.77 -14.26
CA GLY B 230 -9.41 -5.97 -15.09
C GLY B 230 -9.21 -6.19 -16.58
N ALA B 231 -7.97 -6.44 -16.99
CA ALA B 231 -7.66 -6.67 -18.41
C ALA B 231 -7.87 -8.13 -18.85
N GLY B 232 -8.24 -8.99 -17.91
CA GLY B 232 -8.50 -10.38 -18.23
C GLY B 232 -7.34 -11.36 -18.08
N VAL B 233 -6.46 -11.07 -17.13
CA VAL B 233 -5.25 -11.83 -16.88
C VAL B 233 -5.19 -12.11 -15.40
N ARG B 234 -5.29 -13.36 -14.95
CA ARG B 234 -5.34 -13.60 -13.51
C ARG B 234 -4.01 -13.17 -12.90
N THR B 235 -4.07 -12.36 -11.87
CA THR B 235 -2.87 -11.67 -11.41
C THR B 235 -2.84 -11.56 -9.92
N THR B 236 -1.66 -11.74 -9.33
CA THR B 236 -1.46 -11.52 -7.92
C THR B 236 -0.20 -10.65 -7.76
N ALA B 237 0.03 -10.14 -6.55
CA ALA B 237 1.22 -9.33 -6.35
C ALA B 237 1.75 -9.63 -4.97
N LEU B 238 3.07 -9.60 -4.83
CA LEU B 238 3.68 -9.83 -3.53
C LEU B 238 4.44 -8.58 -3.22
N LEU B 239 4.46 -8.18 -1.96
CA LEU B 239 5.28 -7.05 -1.58
C LEU B 239 6.52 -7.61 -0.93
N THR B 240 7.69 -7.39 -1.49
CA THR B 240 8.87 -8.06 -1.04
C THR B 240 9.94 -7.08 -0.61
N ASP B 241 10.79 -7.53 0.28
CA ASP B 241 11.78 -6.66 0.86
C ASP B 241 12.93 -6.30 -0.05
N MET B 242 13.28 -5.03 -0.06
CA MET B 242 14.48 -4.59 -0.71
C MET B 242 15.26 -3.60 0.14
N ASN B 243 15.39 -3.91 1.41
CA ASN B 243 16.13 -3.08 2.33
C ASN B 243 17.56 -3.56 2.49
N GLN B 244 17.89 -4.62 1.81
CA GLN B 244 19.25 -5.12 1.68
C GLN B 244 19.31 -5.86 0.34
N VAL B 245 20.49 -6.41 0.00
CA VAL B 245 20.59 -7.08 -1.30
C VAL B 245 19.86 -8.39 -1.15
N LEU B 246 19.10 -8.78 -2.16
CA LEU B 246 18.25 -9.97 -2.02
C LEU B 246 19.01 -11.27 -2.24
N ALA B 247 19.75 -11.38 -3.34
CA ALA B 247 20.74 -12.47 -3.46
C ALA B 247 21.91 -12.17 -2.52
N SER B 248 22.90 -13.06 -2.45
CA SER B 248 24.11 -12.79 -1.64
C SER B 248 25.13 -12.03 -2.47
N SER B 249 24.77 -11.78 -3.71
CA SER B 249 25.65 -11.07 -4.61
C SER B 249 24.89 -10.07 -5.46
N ALA B 250 25.62 -9.07 -5.95
CA ALA B 250 25.09 -8.05 -6.84
C ALA B 250 26.03 -7.98 -8.03
N GLY B 251 25.46 -7.90 -9.23
CA GLY B 251 26.27 -7.77 -10.42
C GLY B 251 25.70 -8.53 -11.60
N ASN B 252 26.58 -8.96 -12.50
CA ASN B 252 26.13 -9.69 -13.66
C ASN B 252 26.58 -11.16 -13.60
N ALA B 253 27.80 -11.51 -14.02
CA ALA B 253 28.28 -12.90 -13.87
C ALA B 253 28.07 -13.47 -12.46
N VAL B 254 28.33 -12.66 -11.41
CA VAL B 254 28.23 -13.19 -10.04
C VAL B 254 26.79 -13.54 -9.70
N GLU B 255 25.83 -12.86 -10.30
CA GLU B 255 24.44 -13.22 -10.10
C GLU B 255 24.02 -14.45 -10.93
N VAL B 256 24.61 -14.62 -12.09
CA VAL B 256 24.30 -15.82 -12.87
C VAL B 256 24.83 -17.07 -12.14
N ARG B 257 25.99 -16.93 -11.50
CA ARG B 257 26.57 -18.02 -10.76
C ARG B 257 25.60 -18.38 -9.65
N GLU B 258 25.21 -17.41 -8.83
CA GLU B 258 24.26 -17.67 -7.74
C GLU B 258 22.98 -18.39 -8.25
N ALA B 259 22.45 -17.98 -9.40
CA ALA B 259 21.23 -18.61 -9.93
C ALA B 259 21.43 -20.09 -10.18
N VAL B 260 22.57 -20.44 -10.79
CA VAL B 260 22.86 -21.86 -11.08
C VAL B 260 22.99 -22.69 -9.82
N GLN B 261 23.77 -22.20 -8.86
CA GLN B 261 23.96 -22.88 -7.57
C GLN B 261 22.65 -23.01 -6.77
N PHE B 262 21.74 -22.08 -7.02
CA PHE B 262 20.44 -22.14 -6.40
C PHE B 262 19.65 -23.32 -7.00
N LEU B 263 19.52 -23.33 -8.33
CA LEU B 263 18.78 -24.37 -9.02
C LEU B 263 19.35 -25.79 -8.79
N THR B 264 20.68 -25.94 -8.83
CA THR B 264 21.26 -27.27 -8.63
C THR B 264 21.12 -27.67 -7.17
N GLY B 265 21.14 -26.68 -6.28
CA GLY B 265 21.12 -26.95 -4.85
C GLY B 265 22.47 -26.79 -4.18
N GLU B 266 23.46 -26.34 -4.94
CA GLU B 266 24.78 -26.05 -4.40
C GLU B 266 24.68 -25.08 -3.23
N TYR B 267 23.88 -24.03 -3.40
CA TYR B 267 23.66 -23.07 -2.34
C TYR B 267 22.36 -22.28 -2.51
N ARG B 268 21.56 -22.17 -1.45
CA ARG B 268 20.35 -21.37 -1.52
C ARG B 268 20.28 -20.32 -0.43
N ASN B 269 20.45 -19.06 -0.82
CA ASN B 269 20.18 -17.93 0.07
C ASN B 269 18.74 -18.06 0.68
N PRO B 270 18.64 -18.04 2.02
CA PRO B 270 17.32 -18.24 2.67
C PRO B 270 16.30 -17.17 2.26
N ARG B 271 16.71 -15.89 2.27
CA ARG B 271 15.83 -14.78 1.86
C ARG B 271 15.50 -14.81 0.37
N LEU B 272 16.47 -15.19 -0.46
CA LEU B 272 16.23 -15.33 -1.89
C LEU B 272 15.28 -16.49 -2.16
N PHE B 273 15.32 -17.52 -1.31
CA PHE B 273 14.50 -18.70 -1.55
C PHE B 273 13.01 -18.37 -1.31
N ASP B 274 12.75 -17.73 -0.18
CA ASP B 274 11.43 -17.28 0.18
C ASP B 274 10.78 -16.41 -0.90
N VAL B 275 11.44 -15.31 -1.26
CA VAL B 275 10.90 -14.45 -2.29
C VAL B 275 10.72 -15.22 -3.61
N THR B 276 11.67 -16.07 -3.98
CA THR B 276 11.55 -16.84 -5.22
C THR B 276 10.42 -17.86 -5.19
N MET B 277 10.32 -18.62 -4.09
CA MET B 277 9.34 -19.68 -4.01
C MET B 277 7.93 -19.09 -4.08
N ALA B 278 7.71 -18.01 -3.31
CA ALA B 278 6.40 -17.39 -3.19
C ALA B 278 5.93 -16.89 -4.55
N LEU B 279 6.81 -16.19 -5.26
CA LEU B 279 6.49 -15.75 -6.62
C LEU B 279 6.18 -16.94 -7.52
N CYS B 280 6.81 -18.07 -7.26
CA CYS B 280 6.58 -19.25 -8.11
C CYS B 280 5.25 -19.90 -7.74
N VAL B 281 4.98 -19.94 -6.44
CA VAL B 281 3.67 -20.37 -5.97
C VAL B 281 2.59 -19.63 -6.73
N GLU B 282 2.62 -18.29 -6.66
CA GLU B 282 1.60 -17.46 -7.32
C GLU B 282 1.35 -17.81 -8.78
N MET B 283 2.41 -17.95 -9.57
CA MET B 283 2.25 -18.30 -10.98
C MET B 283 1.56 -19.63 -11.17
N LEU B 284 1.93 -20.60 -10.34
CA LEU B 284 1.35 -21.93 -10.43
C LEU B 284 -0.15 -21.88 -10.13
N ILE B 285 -0.51 -21.38 -8.95
CA ILE B 285 -1.90 -21.20 -8.57
C ILE B 285 -2.71 -20.42 -9.62
N SER B 286 -2.26 -19.21 -9.99
CA SER B 286 -2.92 -18.40 -11.02
C SER B 286 -3.03 -19.08 -12.41
N GLY B 287 -2.05 -19.90 -12.77
CA GLY B 287 -2.03 -20.54 -14.07
C GLY B 287 -2.75 -21.87 -13.98
N GLN B 288 -3.28 -22.12 -12.79
CA GLN B 288 -3.96 -23.36 -12.43
C GLN B 288 -3.13 -24.60 -12.76
N LEU B 289 -1.97 -24.66 -12.12
CA LEU B 289 -1.13 -25.85 -12.09
C LEU B 289 -1.18 -26.36 -10.67
N ALA B 290 -1.93 -25.67 -9.81
CA ALA B 290 -2.08 -26.13 -8.44
C ALA B 290 -3.35 -25.55 -7.81
N LYS B 291 -3.94 -26.31 -6.89
CA LYS B 291 -5.11 -25.86 -6.16
C LYS B 291 -4.70 -24.73 -5.22
N ASP B 292 -3.96 -25.07 -4.18
CA ASP B 292 -3.54 -24.06 -3.21
C ASP B 292 -2.01 -23.91 -3.09
N ASP B 293 -1.60 -23.25 -2.01
CA ASP B 293 -0.20 -22.95 -1.73
C ASP B 293 0.68 -24.19 -1.54
N ALA B 294 0.22 -25.15 -0.75
CA ALA B 294 1.03 -26.31 -0.44
C ALA B 294 1.25 -27.20 -1.67
N GLU B 295 0.21 -27.42 -2.47
CA GLU B 295 0.41 -28.21 -3.67
C GLU B 295 1.38 -27.52 -4.62
N ALA B 296 1.30 -26.20 -4.68
CA ALA B 296 2.27 -25.41 -5.44
C ALA B 296 3.70 -25.61 -4.90
N ARG B 297 3.93 -25.33 -3.62
CA ARG B 297 5.25 -25.41 -3.04
C ARG B 297 5.85 -26.79 -3.20
N ALA B 298 5.03 -27.81 -2.97
CA ALA B 298 5.49 -29.19 -3.03
C ALA B 298 6.05 -29.49 -4.43
N LYS B 299 5.33 -29.07 -5.45
CA LYS B 299 5.74 -29.32 -6.82
C LYS B 299 6.98 -28.50 -7.19
N LEU B 300 7.21 -27.40 -6.47
CA LEU B 300 8.29 -26.50 -6.86
C LEU B 300 9.55 -26.96 -6.14
N GLN B 301 9.39 -27.40 -4.90
CA GLN B 301 10.52 -28.01 -4.24
C GLN B 301 10.98 -29.19 -5.07
N ALA B 302 10.00 -29.96 -5.56
CA ALA B 302 10.23 -31.19 -6.32
C ALA B 302 11.22 -30.96 -7.44
N VAL B 303 10.93 -29.99 -8.31
CA VAL B 303 11.78 -29.74 -9.47
C VAL B 303 13.06 -28.99 -9.10
N LEU B 304 13.12 -28.45 -7.89
CA LEU B 304 14.37 -27.87 -7.39
C LEU B 304 15.28 -28.99 -6.96
N ASP B 305 14.64 -30.05 -6.46
CA ASP B 305 15.33 -31.07 -5.71
C ASP B 305 15.53 -32.39 -6.46
N ASN B 306 15.02 -32.48 -7.69
CA ASN B 306 15.34 -33.59 -8.58
C ASN B 306 16.06 -33.12 -9.85
N GLY B 307 16.65 -31.93 -9.78
CA GLY B 307 17.38 -31.38 -10.90
C GLY B 307 16.64 -30.93 -12.14
N LYS B 308 15.32 -31.09 -12.15
CA LYS B 308 14.52 -30.74 -13.34
C LYS B 308 14.62 -29.24 -13.67
N ALA B 309 14.55 -28.40 -12.64
CA ALA B 309 14.66 -26.96 -12.85
C ALA B 309 16.05 -26.56 -13.35
N ALA B 310 17.11 -27.09 -12.74
CA ALA B 310 18.46 -26.78 -13.23
C ALA B 310 18.57 -27.27 -14.66
N GLU B 311 17.98 -28.44 -14.93
CA GLU B 311 18.01 -29.04 -16.24
C GLU B 311 17.40 -28.13 -17.28
N VAL B 312 16.22 -27.56 -16.98
CA VAL B 312 15.54 -26.72 -17.98
C VAL B 312 16.23 -25.34 -18.13
N PHE B 313 16.89 -24.85 -17.08
CA PHE B 313 17.71 -23.66 -17.24
C PHE B 313 18.86 -23.94 -18.23
N GLY B 314 19.43 -25.14 -18.13
CA GLY B 314 20.50 -25.56 -19.01
C GLY B 314 20.03 -25.60 -20.44
N ARG B 315 18.85 -26.18 -20.68
CA ARG B 315 18.33 -26.23 -22.05
C ARG B 315 18.10 -24.82 -22.58
N MET B 316 17.49 -23.95 -21.79
CA MET B 316 17.18 -22.60 -22.27
C MET B 316 18.43 -21.88 -22.74
N VAL B 317 19.50 -21.93 -21.95
CA VAL B 317 20.78 -21.35 -22.30
C VAL B 317 21.28 -21.97 -23.60
N ALA B 318 21.18 -23.30 -23.68
CA ALA B 318 21.54 -24.00 -24.91
C ALA B 318 20.70 -23.49 -26.07
N ALA B 319 19.40 -23.30 -25.86
CA ALA B 319 18.52 -22.83 -26.93
C ALA B 319 18.91 -21.44 -27.46
N GLN B 320 19.28 -20.54 -26.55
CA GLN B 320 19.59 -19.16 -26.91
C GLN B 320 21.08 -18.95 -27.16
N LYS B 321 21.70 -19.94 -27.82
CA LYS B 321 23.11 -19.89 -28.21
C LYS B 321 24.10 -19.73 -27.05
N GLY B 322 23.73 -20.20 -25.86
CA GLY B 322 24.69 -20.28 -24.79
C GLY B 322 25.42 -21.60 -24.89
N PRO B 323 26.50 -21.76 -24.11
CA PRO B 323 27.18 -23.04 -23.96
C PRO B 323 26.24 -24.22 -23.72
N SER B 324 26.55 -25.31 -24.42
CA SER B 324 25.86 -26.57 -24.26
C SER B 324 25.81 -27.08 -22.82
N ASP B 325 26.93 -26.92 -22.11
CA ASP B 325 27.11 -27.58 -20.83
C ASP B 325 27.15 -26.60 -19.68
N PHE B 326 26.50 -25.45 -19.87
CA PHE B 326 26.71 -24.28 -19.01
C PHE B 326 26.43 -24.54 -17.53
N VAL B 327 25.39 -25.31 -17.22
CA VAL B 327 25.03 -25.55 -15.81
C VAL B 327 26.13 -26.34 -15.15
N GLU B 328 26.69 -27.28 -15.90
CA GLU B 328 27.70 -28.16 -15.33
C GLU B 328 29.04 -27.44 -15.21
N ASN B 329 29.31 -26.49 -16.10
CA ASN B 329 30.63 -25.88 -16.15
C ASN B 329 30.59 -24.37 -16.21
N TYR B 330 29.72 -23.78 -15.40
CA TYR B 330 29.51 -22.35 -15.43
C TYR B 330 30.80 -21.53 -15.16
N ASP B 331 31.70 -22.05 -14.33
CA ASP B 331 32.94 -21.32 -14.06
C ASP B 331 33.84 -21.32 -15.28
N LYS B 332 33.61 -22.25 -16.19
CA LYS B 332 34.41 -22.32 -17.39
C LYS B 332 34.05 -21.15 -18.29
N TYR B 333 32.83 -20.65 -18.15
CA TYR B 333 32.36 -19.60 -19.04
C TYR B 333 32.14 -18.22 -18.43
N LEU B 334 31.84 -18.14 -17.13
CA LEU B 334 31.59 -16.84 -16.54
C LEU B 334 32.87 -16.07 -16.38
N PRO B 335 32.90 -14.82 -16.84
CA PRO B 335 34.11 -14.00 -16.65
C PRO B 335 34.47 -13.84 -15.16
N THR B 336 35.76 -13.60 -14.88
CA THR B 336 36.23 -13.38 -13.50
C THR B 336 36.81 -11.97 -13.42
N ALA B 337 36.59 -11.28 -12.31
CA ALA B 337 37.22 -9.98 -12.09
C ALA B 337 38.72 -10.16 -11.97
N MET B 338 39.50 -9.11 -12.21
CA MET B 338 40.93 -9.21 -12.06
C MET B 338 41.26 -9.21 -10.57
N LEU B 339 40.50 -8.42 -9.82
CA LEU B 339 40.75 -8.22 -8.40
C LEU B 339 39.52 -8.56 -7.53
N SER B 340 39.72 -9.41 -6.51
CA SER B 340 38.63 -9.85 -5.64
C SER B 340 39.04 -9.83 -4.20
N LYS B 341 38.60 -8.83 -3.46
CA LYS B 341 38.97 -8.69 -2.06
C LYS B 341 37.80 -8.30 -1.19
N ALA B 342 37.84 -8.79 0.04
CA ALA B 342 36.82 -8.49 1.04
C ALA B 342 36.97 -7.05 1.50
N VAL B 343 35.85 -6.45 1.91
CA VAL B 343 35.89 -5.15 2.56
C VAL B 343 35.37 -5.28 4.00
N TYR B 344 36.06 -4.67 4.95
CA TYR B 344 35.67 -4.80 6.36
C TYR B 344 35.19 -3.51 6.98
N ALA B 345 34.18 -3.61 7.85
CA ALA B 345 33.64 -2.46 8.57
C ALA B 345 34.72 -1.82 9.45
N ASP B 346 34.51 -0.58 9.86
CA ASP B 346 35.51 0.11 10.68
C ASP B 346 35.23 -0.08 12.16
N THR B 347 34.00 -0.45 12.46
CA THR B 347 33.54 -0.58 13.83
C THR B 347 33.02 -2.00 14.07
N GLU B 348 32.80 -2.35 15.34
CA GLU B 348 32.09 -3.58 15.69
C GLU B 348 30.61 -3.28 15.73
N GLY B 349 29.79 -4.30 15.96
CA GLY B 349 28.38 -4.07 16.09
C GLY B 349 27.61 -4.78 15.01
N PHE B 350 26.31 -4.56 14.97
CA PHE B 350 25.38 -5.35 14.16
C PHE B 350 24.94 -4.52 12.98
N ILE B 351 24.56 -5.14 11.88
CA ILE B 351 24.14 -4.34 10.73
C ILE B 351 22.68 -3.93 10.93
N SER B 352 22.43 -2.62 10.90
CA SER B 352 21.10 -2.10 11.20
C SER B 352 20.43 -1.53 9.96
N ALA B 353 21.23 -1.10 8.98
CA ALA B 353 20.67 -0.59 7.74
C ALA B 353 21.62 -0.81 6.54
N MET B 354 21.05 -0.78 5.33
CA MET B 354 21.83 -0.93 4.12
C MET B 354 21.28 -0.01 3.06
N ASP B 355 22.08 0.97 2.63
CA ASP B 355 21.62 1.83 1.54
C ASP B 355 21.75 1.11 0.20
N THR B 356 20.69 0.44 -0.20
CA THR B 356 20.72 -0.43 -1.37
C THR B 356 20.82 0.37 -2.66
N ARG B 357 20.15 1.52 -2.72
CA ARG B 357 20.35 2.48 -3.81
C ARG B 357 21.84 2.69 -4.09
N ALA B 358 22.59 2.89 -3.02
CA ALA B 358 24.00 3.24 -3.08
C ALA B 358 24.89 2.08 -3.52
N LEU B 359 24.56 0.88 -3.04
CA LEU B 359 25.26 -0.33 -3.44
C LEU B 359 25.04 -0.58 -4.93
N GLY B 360 23.79 -0.49 -5.37
CA GLY B 360 23.44 -0.49 -6.77
C GLY B 360 24.24 0.53 -7.59
N MET B 361 24.41 1.73 -7.06
CA MET B 361 25.19 2.75 -7.75
C MET B 361 26.64 2.32 -7.83
N ALA B 362 27.16 1.78 -6.73
CA ALA B 362 28.58 1.45 -6.66
C ALA B 362 28.94 0.39 -7.69
N VAL B 363 28.02 -0.54 -7.93
CA VAL B 363 28.20 -1.60 -8.92
C VAL B 363 28.22 -1.00 -10.31
N VAL B 364 27.36 0.00 -10.55
CA VAL B 364 27.37 0.75 -11.81
C VAL B 364 28.66 1.55 -12.00
N SER B 365 29.15 2.18 -10.92
CA SER B 365 30.43 2.87 -10.97
C SER B 365 31.63 1.94 -11.18
N MET B 366 31.46 0.63 -11.02
CA MET B 366 32.56 -0.27 -11.28
C MET B 366 32.53 -0.78 -12.71
N GLY B 367 31.45 -0.48 -13.43
CA GLY B 367 31.29 -0.99 -14.79
C GLY B 367 30.21 -2.05 -14.93
N GLY B 368 29.53 -2.39 -13.83
CA GLY B 368 28.42 -3.32 -13.91
C GLY B 368 27.22 -2.70 -14.61
N GLY B 369 27.16 -1.38 -14.62
CA GLY B 369 26.05 -0.71 -15.26
C GLY B 369 26.53 0.29 -16.27
N ARG B 370 25.67 0.64 -17.22
CA ARG B 370 26.00 1.69 -18.15
C ARG B 370 25.26 2.97 -17.78
N ARG B 371 25.98 4.08 -17.76
CA ARG B 371 25.39 5.39 -17.50
C ARG B 371 24.67 5.89 -18.76
N GLN B 372 25.22 5.51 -19.91
CA GLN B 372 24.66 5.84 -21.23
C GLN B 372 24.97 4.71 -22.22
N ALA B 373 24.02 4.42 -23.09
CA ALA B 373 24.18 3.34 -24.01
C ALA B 373 25.37 3.58 -24.89
N SER B 374 25.94 2.48 -25.35
CA SER B 374 27.20 2.44 -26.06
C SER B 374 28.36 2.41 -25.12
N ASP B 375 28.05 2.31 -23.83
CA ASP B 375 29.00 1.98 -22.80
C ASP B 375 29.05 0.48 -22.84
N THR B 376 30.24 -0.10 -22.87
CA THR B 376 30.29 -1.54 -22.74
C THR B 376 30.35 -1.86 -21.26
N ILE B 377 29.45 -2.75 -20.82
CA ILE B 377 29.44 -3.30 -19.45
C ILE B 377 30.59 -4.29 -19.19
N ASP B 378 31.29 -4.09 -18.09
CA ASP B 378 32.16 -5.13 -17.54
C ASP B 378 31.27 -6.14 -16.78
N TYR B 379 31.16 -7.35 -17.28
CA TYR B 379 30.27 -8.36 -16.67
C TYR B 379 30.87 -9.11 -15.46
N SER B 380 32.11 -8.83 -15.10
CA SER B 380 32.73 -9.62 -14.02
C SER B 380 32.66 -8.95 -12.68
N VAL B 381 32.35 -7.66 -12.67
CA VAL B 381 32.48 -6.92 -11.43
C VAL B 381 31.17 -6.99 -10.65
N GLY B 382 31.26 -6.75 -9.34
CA GLY B 382 30.10 -6.89 -8.50
C GLY B 382 30.44 -7.13 -7.04
N PHE B 383 29.44 -7.52 -6.24
CA PHE B 383 29.73 -7.92 -4.87
C PHE B 383 29.33 -9.35 -4.73
N THR B 384 30.04 -10.11 -3.89
CA THR B 384 29.53 -11.39 -3.45
C THR B 384 29.64 -11.50 -1.92
N ASP B 385 29.09 -12.59 -1.37
CA ASP B 385 29.21 -12.94 0.03
C ASP B 385 28.76 -11.80 0.93
N MET B 386 27.69 -11.14 0.50
CA MET B 386 27.07 -10.05 1.27
C MET B 386 26.77 -10.42 2.70
N ALA B 387 27.17 -9.56 3.61
CA ALA B 387 26.63 -9.60 4.96
C ALA B 387 25.14 -9.25 4.85
N ARG B 388 24.34 -9.64 5.84
CA ARG B 388 22.93 -9.31 5.79
C ARG B 388 22.47 -8.49 7.01
N LEU B 389 21.34 -7.81 6.88
CA LEU B 389 20.76 -7.10 8.03
C LEU B 389 20.67 -8.03 9.23
N GLY B 390 20.83 -7.49 10.42
CA GLY B 390 20.84 -8.33 11.59
C GLY B 390 22.19 -8.93 11.92
N ASP B 391 23.07 -9.06 10.92
CA ASP B 391 24.32 -9.79 11.14
C ASP B 391 25.26 -9.10 12.09
N SER B 392 26.00 -9.92 12.83
CA SER B 392 27.00 -9.45 13.76
C SER B 392 28.32 -9.31 13.04
N ILE B 393 28.85 -8.10 13.06
CA ILE B 393 30.11 -7.78 12.40
C ILE B 393 31.24 -7.54 13.41
N ASP B 394 32.39 -8.12 13.11
CA ASP B 394 33.63 -7.79 13.79
C ASP B 394 34.72 -7.72 12.74
N GLY B 395 35.98 -7.76 13.18
CA GLY B 395 37.12 -7.59 12.31
C GLY B 395 37.35 -8.74 11.36
N GLN B 396 36.84 -9.93 11.71
CA GLN B 396 37.02 -11.10 10.85
C GLN B 396 35.73 -11.47 10.13
N ARG B 397 34.72 -10.61 10.22
CA ARG B 397 33.50 -10.81 9.46
C ARG B 397 33.31 -9.65 8.47
N PRO B 398 33.44 -9.95 7.17
CA PRO B 398 33.48 -8.91 6.12
C PRO B 398 32.10 -8.49 5.63
N LEU B 399 31.99 -7.27 5.12
CA LEU B 399 30.69 -6.75 4.72
C LEU B 399 30.27 -7.38 3.40
N ALA B 400 31.25 -7.56 2.53
CA ALA B 400 31.05 -8.18 1.23
C ALA B 400 32.40 -8.50 0.63
N VAL B 401 32.41 -9.24 -0.48
CA VAL B 401 33.61 -9.42 -1.29
C VAL B 401 33.44 -8.62 -2.56
N ILE B 402 34.29 -7.63 -2.76
CA ILE B 402 34.13 -6.73 -3.89
C ILE B 402 34.97 -7.23 -5.05
N HIS B 403 34.37 -7.31 -6.24
CA HIS B 403 35.09 -7.72 -7.45
C HIS B 403 35.35 -6.54 -8.40
N ALA B 404 36.58 -6.03 -8.45
CA ALA B 404 36.93 -4.85 -9.30
C ALA B 404 37.86 -5.15 -10.48
N LYS B 405 37.94 -4.24 -11.45
CA LYS B 405 38.87 -4.42 -12.57
C LYS B 405 40.28 -3.91 -12.22
N ASP B 406 40.37 -3.02 -11.22
CA ASP B 406 41.66 -2.52 -10.71
C ASP B 406 41.53 -1.96 -9.30
N GLU B 407 42.64 -1.54 -8.70
CA GLU B 407 42.63 -1.09 -7.29
C GLU B 407 41.92 0.24 -7.07
N ALA B 408 42.01 1.14 -8.03
CA ALA B 408 41.37 2.43 -7.87
C ALA B 408 39.86 2.23 -7.85
N SER B 409 39.38 1.47 -8.83
CA SER B 409 38.01 1.02 -8.90
C SER B 409 37.55 0.32 -7.61
N TRP B 410 38.43 -0.52 -7.04
CA TRP B 410 38.11 -1.31 -5.84
C TRP B 410 37.94 -0.42 -4.62
N GLN B 411 38.93 0.44 -4.43
CA GLN B 411 39.00 1.36 -3.31
C GLN B 411 37.74 2.22 -3.26
N GLU B 412 37.24 2.59 -4.44
CA GLU B 412 36.08 3.47 -4.52
C GLU B 412 34.82 2.73 -4.06
N ALA B 413 34.65 1.50 -4.52
CA ALA B 413 33.57 0.62 -4.08
C ALA B 413 33.68 0.26 -2.59
N ALA B 414 34.90 0.01 -2.11
CA ALA B 414 35.10 -0.18 -0.67
C ALA B 414 34.48 0.96 0.12
N LYS B 415 34.89 2.19 -0.19
CA LYS B 415 34.33 3.40 0.42
C LYS B 415 32.80 3.46 0.35
N ALA B 416 32.25 3.23 -0.84
CA ALA B 416 30.81 3.25 -1.06
C ALA B 416 30.10 2.27 -0.12
N VAL B 417 30.68 1.08 0.01
CA VAL B 417 30.09 0.00 0.78
C VAL B 417 30.13 0.32 2.26
N LYS B 418 31.31 0.69 2.76
CA LYS B 418 31.45 1.09 4.16
C LYS B 418 30.47 2.21 4.50
N ALA B 419 30.36 3.19 3.61
CA ALA B 419 29.44 4.31 3.78
C ALA B 419 27.97 3.86 3.80
N ALA B 420 27.62 2.86 3.00
CA ALA B 420 26.23 2.43 2.89
C ALA B 420 25.74 1.42 3.95
N ILE B 421 26.65 0.77 4.70
CA ILE B 421 26.19 -0.13 5.76
C ILE B 421 26.34 0.48 7.16
N ILE B 422 25.20 0.65 7.83
CA ILE B 422 25.17 1.20 9.18
C ILE B 422 25.14 0.13 10.27
N LEU B 423 25.99 0.28 11.27
CA LEU B 423 26.02 -0.64 12.41
C LEU B 423 25.59 0.03 13.74
N ASP B 424 24.69 -0.63 14.48
CA ASP B 424 24.33 -0.22 15.84
C ASP B 424 24.87 -1.21 16.85
N ASP B 425 25.02 -0.76 18.10
CA ASP B 425 25.29 -1.66 19.21
C ASP B 425 24.12 -2.61 19.40
N LYS B 426 22.92 -2.05 19.28
CA LYS B 426 21.68 -2.81 19.38
C LYS B 426 21.33 -3.56 18.08
N ALA B 427 21.14 -4.86 18.20
CA ALA B 427 20.58 -5.68 17.13
C ALA B 427 19.16 -5.25 16.80
N PRO B 428 18.88 -5.03 15.51
CA PRO B 428 17.62 -4.44 15.08
C PRO B 428 16.48 -5.44 14.92
N ALA B 429 15.29 -4.93 14.66
CA ALA B 429 14.11 -5.77 14.42
C ALA B 429 14.31 -6.56 13.13
N SER B 430 13.73 -7.75 13.10
CA SER B 430 13.83 -8.58 11.93
C SER B 430 12.96 -8.03 10.80
N THR B 431 13.33 -8.37 9.56
CA THR B 431 12.62 -7.95 8.36
C THR B 431 12.11 -9.19 7.62
N PRO B 432 10.78 -9.34 7.46
CA PRO B 432 10.36 -10.49 6.67
C PRO B 432 10.81 -10.33 5.21
N SER B 433 10.93 -11.39 4.44
CA SER B 433 11.35 -11.20 3.05
C SER B 433 10.11 -10.95 2.19
N VAL B 434 9.02 -11.67 2.47
CA VAL B 434 7.73 -11.37 1.86
C VAL B 434 6.86 -10.69 2.90
N TYR B 435 6.20 -9.61 2.51
CA TYR B 435 5.40 -8.81 3.42
C TYR B 435 3.93 -9.12 3.29
N ARG B 436 3.48 -9.24 2.05
CA ARG B 436 2.07 -9.33 1.82
C ARG B 436 1.78 -9.96 0.48
N ARG B 437 0.81 -10.86 0.47
CA ARG B 437 0.27 -11.37 -0.76
C ARG B 437 -0.96 -10.55 -1.06
N ILE B 438 -1.20 -10.23 -2.32
CA ILE B 438 -2.31 -9.37 -2.69
C ILE B 438 -3.04 -9.96 -3.88
N THR B 439 -4.34 -10.23 -3.73
CA THR B 439 -5.11 -10.98 -4.76
C THR B 439 -6.37 -10.25 -5.21
N GLU B 440 -7.05 -10.68 -6.27
CA GLU B 440 -8.31 -9.98 -6.55
C GLU B 440 -9.46 -10.57 -5.71
#